data_4Y5Y
#
_entry.id   4Y5Y
#
_cell.length_a   78.141
_cell.length_b   95.799
_cell.length_c   144.972
_cell.angle_alpha   90.00
_cell.angle_beta   90.00
_cell.angle_gamma   90.00
#
_symmetry.space_group_name_H-M   'P 2 21 21'
#
loop_
_entity.id
_entity.type
_entity.pdbx_description
1 polymer 'diabody 330 VH domain'
2 polymer 'diabody 330 VL domain'
3 polymer 'Erythropoietin receptor'
4 non-polymer GLYCEROL
5 water water
#
loop_
_entity_poly.entity_id
_entity_poly.type
_entity_poly.pdbx_seq_one_letter_code
_entity_poly.pdbx_strand_id
1 'polypeptide(L)'
;HSAFAGSEVQLVESGGGLVQPGGSLRLSCAVSGFTFS(MLY)YWMTWVRQAPGKGLEWVANI(MLY)PDGSEKYYVESVK
GRFTISRDNAKNSVYLQMNSVRAEDTAVYYCARVSRGGSFSDWGQGTLVTVSSGGGGS
;
A,D
2 'polypeptide(L)'
;QSALTQPPSASGSPGQSVTISCTGTSSDVGAYNYVSWYQQHPGKAPKLMIYEVARRPSGVPDRFSGSKSGNTASLTVSGL
QAEDEADYYCSSYAGSNNFAVFGRGTKLTVLAAAGGG
;
B,E
3 'polypeptide(L)'
;FAGSADP(MLY)FES(MLY)AALLAARGPEELLCFTERLEDLVCFWEEAASAGVGPGQYSFSYQLEDEPW(MLY)LCRLH
QAPTARGAVRFWCSLPTADTSSFVPLELRVTAASGAPRYHRVIHINEVVLLDAPVGLVARLADESGHVVLRWLPPPETPM
TSHIRYEVDVSAGQGAGSVQRVEILEGRTECVLSNLRGRTRYTFAVRARMAEPSFGGFWSAWSEPVSLLTPSLDDKEKAA
A
;
C,F
#
# COMPACT_ATOMS: atom_id res chain seq x y z
N GLU A 8 12.29 -12.08 4.68
CA GLU A 8 12.23 -12.07 6.14
C GLU A 8 12.23 -10.66 6.70
N VAL A 9 13.08 -9.81 6.12
CA VAL A 9 13.17 -8.41 6.54
C VAL A 9 11.98 -7.61 6.02
N GLN A 10 11.36 -6.83 6.89
CA GLN A 10 10.16 -6.09 6.54
C GLN A 10 10.27 -4.64 6.97
N LEU A 11 9.99 -3.73 6.03
CA LEU A 11 9.99 -2.30 6.30
C LEU A 11 8.69 -1.65 5.83
N VAL A 12 8.02 -0.93 6.73
CA VAL A 12 6.74 -0.31 6.39
C VAL A 12 6.70 1.17 6.75
N GLU A 13 6.51 2.02 5.73
CA GLU A 13 6.40 3.46 5.94
C GLU A 13 4.95 3.89 6.08
N SER A 14 4.74 5.00 6.78
CA SER A 14 3.40 5.56 6.95
C SER A 14 3.50 7.02 7.36
N GLY A 15 2.39 7.75 7.22
CA GLY A 15 2.35 9.14 7.62
C GLY A 15 2.44 10.09 6.44
N GLY A 16 2.49 9.57 5.22
CA GLY A 16 2.58 10.40 4.04
C GLY A 16 1.25 11.05 3.71
N GLY A 17 1.27 11.99 2.77
CA GLY A 17 0.06 12.71 2.36
C GLY A 17 0.35 14.12 1.89
N LEU A 18 -0.71 14.91 1.71
CA LEU A 18 -0.55 16.29 1.27
C LEU A 18 -0.20 17.23 2.43
N VAL A 19 0.75 18.11 2.18
CA VAL A 19 1.14 19.10 3.18
C VAL A 19 1.35 20.46 2.51
N GLN A 20 0.70 21.48 3.08
CA GLN A 20 0.81 22.84 2.56
C GLN A 20 2.24 23.35 2.70
N PRO A 21 2.70 24.15 1.72
CA PRO A 21 4.05 24.71 1.73
C PRO A 21 4.35 25.43 3.03
N GLY A 22 5.43 25.04 3.70
CA GLY A 22 5.81 25.64 4.96
C GLY A 22 5.25 24.87 6.15
N GLY A 23 4.49 23.83 5.86
CA GLY A 23 3.87 23.02 6.90
C GLY A 23 4.83 21.98 7.46
N SER A 24 4.31 21.06 8.26
CA SER A 24 5.13 20.03 8.86
C SER A 24 4.49 18.65 8.75
N LEU A 25 5.33 17.64 8.55
CA LEU A 25 4.88 16.26 8.43
C LEU A 25 5.95 15.31 8.96
N ARG A 26 5.51 14.30 9.70
CA ARG A 26 6.43 13.32 10.28
C ARG A 26 6.17 11.92 9.74
N LEU A 27 7.19 11.30 9.16
CA LEU A 27 7.08 9.96 8.61
C LEU A 27 7.62 8.90 9.58
N SER A 28 6.99 7.73 9.58
CA SER A 28 7.43 6.63 10.42
C SER A 28 7.79 5.43 9.57
N CYS A 29 8.69 4.59 10.09
CA CYS A 29 9.13 3.38 9.40
C CYS A 29 9.25 2.23 10.40
N ALA A 30 8.30 1.30 10.34
CA ALA A 30 8.32 0.13 11.19
C ALA A 30 9.27 -0.94 10.63
N VAL A 31 10.21 -1.38 11.47
CA VAL A 31 11.26 -2.29 11.04
C VAL A 31 11.22 -3.61 11.81
N SER A 32 11.32 -4.72 11.08
CA SER A 32 11.36 -6.05 11.70
C SER A 32 12.07 -7.06 10.79
N GLY A 33 12.80 -7.98 11.39
CA GLY A 33 13.45 -9.03 10.63
C GLY A 33 14.94 -9.18 10.87
N PHE A 34 15.52 -8.22 11.58
CA PHE A 34 16.96 -8.26 11.85
C PHE A 34 17.32 -7.42 13.09
N THR A 35 18.57 -7.53 13.52
CA THR A 35 19.07 -6.73 14.63
C THR A 35 19.09 -5.25 14.24
N PHE A 36 18.01 -4.55 14.59
CA PHE A 36 17.80 -3.19 14.14
C PHE A 36 18.81 -2.20 14.70
N SER A 37 19.21 -2.42 15.96
CA SER A 37 20.06 -1.46 16.66
C SER A 37 21.54 -1.58 16.31
N TYR A 39 22.53 -1.51 12.78
CA TYR A 39 22.74 -1.05 11.41
C TYR A 39 22.37 0.41 11.20
N TRP A 40 23.00 1.05 10.22
CA TRP A 40 22.60 2.38 9.78
C TRP A 40 21.22 2.32 9.14
N MET A 41 20.46 3.40 9.29
CA MET A 41 19.16 3.50 8.63
C MET A 41 19.13 4.78 7.79
N THR A 42 18.54 4.70 6.60
CA THR A 42 18.56 5.84 5.69
C THR A 42 17.19 6.11 5.06
N TRP A 43 17.04 7.33 4.54
CA TRP A 43 15.83 7.72 3.81
C TRP A 43 16.21 8.12 2.39
N VAL A 44 15.52 7.55 1.41
CA VAL A 44 15.73 7.88 0.01
C VAL A 44 14.43 8.24 -0.67
N ARG A 45 14.35 9.45 -1.22
CA ARG A 45 13.13 9.89 -1.89
C ARG A 45 13.26 9.79 -3.41
N GLN A 46 12.12 9.76 -4.09
CA GLN A 46 12.09 9.66 -5.54
C GLN A 46 10.97 10.51 -6.12
N ALA A 47 11.35 11.62 -6.75
CA ALA A 47 10.37 12.50 -7.39
C ALA A 47 9.65 11.77 -8.51
N PRO A 48 8.35 12.04 -8.67
CA PRO A 48 7.51 11.36 -9.66
C PRO A 48 8.07 11.50 -11.09
N GLY A 49 8.48 10.38 -11.67
CA GLY A 49 9.03 10.37 -13.01
C GLY A 49 10.52 10.68 -13.05
N LYS A 50 11.11 10.85 -11.86
CA LYS A 50 12.52 11.18 -11.76
C LYS A 50 13.32 10.01 -11.17
N GLY A 51 14.58 10.28 -10.83
CA GLY A 51 15.47 9.27 -10.29
C GLY A 51 15.46 9.22 -8.77
N LEU A 52 16.47 8.57 -8.20
CA LEU A 52 16.55 8.40 -6.76
C LEU A 52 17.47 9.44 -6.11
N GLU A 53 17.07 9.93 -4.93
CA GLU A 53 17.89 10.91 -4.21
C GLU A 53 18.03 10.54 -2.74
N TRP A 54 19.28 10.49 -2.27
CA TRP A 54 19.54 10.23 -0.87
C TRP A 54 19.19 11.46 -0.04
N VAL A 55 18.37 11.26 1.00
CA VAL A 55 17.92 12.36 1.84
C VAL A 55 18.76 12.46 3.10
N ALA A 56 18.69 11.42 3.92
CA ALA A 56 19.39 11.42 5.20
C ALA A 56 19.63 10.00 5.70
N ASN A 57 20.61 9.85 6.59
CA ASN A 57 20.86 8.58 7.26
C ASN A 57 21.23 8.78 8.72
N ILE A 58 21.19 7.70 9.49
CA ILE A 58 21.48 7.79 10.92
C ILE A 58 22.26 6.57 11.39
N PRO A 60 23.69 3.52 13.94
CA PRO A 60 23.01 2.50 14.75
C PRO A 60 22.57 2.99 16.13
N ASP A 61 23.44 3.71 16.83
CA ASP A 61 23.12 4.22 18.16
C ASP A 61 22.40 5.57 18.08
N GLY A 62 22.26 6.07 16.86
CA GLY A 62 21.54 7.32 16.63
C GLY A 62 22.26 8.53 17.19
N SER A 63 23.57 8.41 17.38
CA SER A 63 24.35 9.49 17.95
C SER A 63 24.72 10.55 16.90
N GLU A 64 24.75 10.15 15.64
CA GLU A 64 25.09 11.08 14.56
C GLU A 64 24.11 11.00 13.40
N LYS A 65 23.74 12.15 12.86
CA LYS A 65 22.80 12.22 11.75
C LYS A 65 23.40 13.04 10.61
N TYR A 66 23.11 12.62 9.38
CA TYR A 66 23.64 13.31 8.21
C TYR A 66 22.54 13.57 7.18
N TYR A 67 22.62 14.71 6.50
CA TYR A 67 21.57 15.12 5.56
C TYR A 67 22.17 15.62 4.24
N VAL A 68 21.37 15.58 3.19
CA VAL A 68 21.77 16.17 1.91
C VAL A 68 21.55 17.69 2.00
N GLU A 69 22.34 18.44 1.23
CA GLU A 69 22.35 19.90 1.35
C GLU A 69 20.98 20.54 1.14
N SER A 70 20.15 19.94 0.30
CA SER A 70 18.86 20.53 -0.03
C SER A 70 17.84 20.41 1.10
N VAL A 71 18.11 19.56 2.08
CA VAL A 71 17.19 19.36 3.19
C VAL A 71 17.80 19.69 4.55
N LYS A 72 19.07 20.06 4.54
CA LYS A 72 19.79 20.36 5.78
C LYS A 72 19.16 21.54 6.50
N GLY A 73 18.80 21.34 7.77
CA GLY A 73 18.20 22.40 8.56
C GLY A 73 16.68 22.44 8.44
N ARG A 74 16.13 21.60 7.56
CA ARG A 74 14.69 21.53 7.39
C ARG A 74 14.16 20.18 7.85
N PHE A 75 14.91 19.12 7.53
CA PHE A 75 14.53 17.77 7.92
C PHE A 75 15.29 17.30 9.16
N THR A 76 14.72 16.35 9.88
CA THR A 76 15.36 15.80 11.06
C THR A 76 15.09 14.31 11.19
N ILE A 77 16.14 13.51 11.02
CA ILE A 77 16.02 12.06 11.10
C ILE A 77 16.33 11.57 12.52
N SER A 78 15.60 10.56 12.97
CA SER A 78 15.81 9.97 14.28
C SER A 78 15.44 8.50 14.26
N ARG A 79 15.73 7.79 15.35
CA ARG A 79 15.40 6.38 15.41
C ARG A 79 15.08 5.93 16.83
N ASP A 80 14.37 4.81 16.93
CA ASP A 80 14.04 4.21 18.21
C ASP A 80 14.49 2.76 18.20
N ASN A 81 15.58 2.48 18.90
CA ASN A 81 16.15 1.13 18.92
C ASN A 81 15.41 0.19 19.87
N ALA A 82 14.26 0.64 20.38
CA ALA A 82 13.41 -0.20 21.21
C ALA A 82 12.16 -0.60 20.45
N LYS A 83 11.56 0.36 19.75
CA LYS A 83 10.38 0.10 18.94
C LYS A 83 10.77 -0.35 17.53
N ASN A 84 12.07 -0.35 17.27
CA ASN A 84 12.59 -0.65 15.94
C ASN A 84 11.94 0.25 14.89
N SER A 85 12.05 1.56 15.09
CA SER A 85 11.43 2.52 14.21
C SER A 85 12.41 3.59 13.73
N VAL A 86 12.21 4.05 12.49
CA VAL A 86 12.99 5.16 11.96
C VAL A 86 12.03 6.27 11.58
N TYR A 87 12.37 7.50 11.96
CA TYR A 87 11.49 8.64 11.70
C TYR A 87 12.17 9.69 10.83
N LEU A 88 11.36 10.44 10.08
CA LEU A 88 11.86 11.53 9.27
C LEU A 88 10.97 12.76 9.46
N GLN A 89 11.38 13.65 10.35
CA GLN A 89 10.64 14.87 10.63
C GLN A 89 10.85 15.91 9.53
N MET A 90 9.76 16.38 8.93
CA MET A 90 9.85 17.35 7.84
C MET A 90 9.29 18.72 8.23
N ASN A 91 10.17 19.65 8.56
CA ASN A 91 9.75 21.01 8.88
C ASN A 91 10.11 21.97 7.75
N SER A 92 9.32 23.04 7.62
CA SER A 92 9.50 24.04 6.56
C SER A 92 9.54 23.38 5.18
N VAL A 93 8.50 22.63 4.85
CA VAL A 93 8.45 21.86 3.61
C VAL A 93 8.39 22.75 2.37
N ARG A 94 9.11 22.34 1.33
CA ARG A 94 9.13 23.05 0.06
C ARG A 94 8.42 22.26 -1.04
N ALA A 95 8.26 22.90 -2.20
CA ALA A 95 7.62 22.27 -3.34
C ALA A 95 8.52 21.18 -3.92
N GLU A 96 9.82 21.35 -3.78
CA GLU A 96 10.80 20.41 -4.32
C GLU A 96 10.94 19.16 -3.47
N ASP A 97 10.12 19.05 -2.43
CA ASP A 97 10.14 17.88 -1.56
C ASP A 97 9.08 16.84 -1.96
N THR A 98 8.31 17.13 -3.01
CA THR A 98 7.27 16.21 -3.47
C THR A 98 7.89 14.96 -4.07
N ALA A 99 7.78 13.85 -3.35
CA ALA A 99 8.38 12.59 -3.79
C ALA A 99 7.86 11.40 -2.98
N VAL A 100 8.25 10.20 -3.40
CA VAL A 100 7.99 8.99 -2.64
C VAL A 100 9.18 8.68 -1.72
N TYR A 101 8.95 8.69 -0.42
CA TYR A 101 10.03 8.50 0.54
C TYR A 101 10.16 7.05 1.01
N TYR A 102 11.31 6.44 0.71
CA TYR A 102 11.59 5.08 1.16
C TYR A 102 12.53 5.07 2.37
N CYS A 103 12.24 4.20 3.34
CA CYS A 103 13.18 3.94 4.43
C CYS A 103 13.95 2.66 4.11
N ALA A 104 15.25 2.67 4.38
CA ALA A 104 16.09 1.53 3.99
C ALA A 104 17.14 1.17 5.03
N ARG A 105 17.56 -0.10 5.00
CA ARG A 105 18.62 -0.60 5.87
C ARG A 105 19.97 -0.54 5.17
N VAL A 106 20.90 0.22 5.73
CA VAL A 106 22.24 0.31 5.17
C VAL A 106 23.09 -0.90 5.56
N SER A 107 23.60 -1.61 4.57
CA SER A 107 24.40 -2.81 4.81
C SER A 107 25.85 -2.65 4.35
N ARG A 108 26.40 -3.73 3.82
CA ARG A 108 27.81 -3.78 3.40
C ARG A 108 28.14 -2.79 2.29
N GLY A 109 29.29 -2.13 2.43
CA GLY A 109 29.79 -1.22 1.41
C GLY A 109 28.92 0.00 1.19
N GLY A 110 28.12 0.35 2.20
CA GLY A 110 27.25 1.49 2.12
C GLY A 110 26.07 1.29 1.19
N SER A 111 25.76 0.03 0.90
CA SER A 111 24.64 -0.30 0.04
C SER A 111 23.33 -0.32 0.84
N PHE A 112 22.21 -0.27 0.13
CA PHE A 112 20.90 -0.33 0.76
C PHE A 112 20.24 -1.67 0.44
N SER A 113 20.37 -2.63 1.36
CA SER A 113 19.93 -4.00 1.13
C SER A 113 18.40 -4.15 1.11
N ASP A 114 17.73 -3.62 2.12
CA ASP A 114 16.29 -3.79 2.24
C ASP A 114 15.54 -2.47 2.21
N TRP A 115 14.51 -2.41 1.37
CA TRP A 115 13.68 -1.22 1.20
C TRP A 115 12.25 -1.46 1.66
N GLY A 116 11.57 -0.39 2.02
CA GLY A 116 10.16 -0.47 2.39
C GLY A 116 9.29 -0.21 1.17
N GLN A 117 7.98 -0.33 1.35
CA GLN A 117 7.04 -0.12 0.25
C GLN A 117 7.10 1.32 -0.26
N GLY A 118 7.35 2.25 0.65
CA GLY A 118 7.45 3.65 0.31
C GLY A 118 6.16 4.40 0.53
N THR A 119 6.26 5.64 0.99
CA THR A 119 5.09 6.48 1.18
C THR A 119 5.21 7.78 0.39
N LEU A 120 4.09 8.26 -0.16
CA LEU A 120 4.11 9.44 -1.00
C LEU A 120 3.84 10.72 -0.21
N VAL A 121 4.67 11.73 -0.46
CA VAL A 121 4.48 13.05 0.13
C VAL A 121 4.39 14.10 -0.97
N THR A 122 3.22 14.71 -1.11
CA THR A 122 2.97 15.69 -2.16
C THR A 122 2.85 17.10 -1.61
N VAL A 123 3.52 18.06 -2.25
CA VAL A 123 3.49 19.44 -1.80
C VAL A 123 3.24 20.40 -2.96
N SER A 124 2.01 20.90 -3.05
CA SER A 124 1.62 21.91 -4.04
C SER A 124 2.02 21.52 -5.46
N SER A 125 3.14 22.07 -5.91
CA SER A 125 3.65 21.80 -7.26
C SER A 125 4.43 20.49 -7.29
N GLN B 1 18.21 17.48 -8.10
CA GLN B 1 19.19 16.57 -7.52
C GLN B 1 20.41 16.37 -8.40
N SER B 2 21.57 16.76 -7.90
CA SER B 2 22.81 16.49 -8.61
C SER B 2 23.08 14.99 -8.57
N ALA B 3 23.39 14.41 -9.72
CA ALA B 3 23.56 12.97 -9.83
C ALA B 3 24.76 12.56 -10.68
N LEU B 4 25.03 11.26 -10.69
CA LEU B 4 26.08 10.68 -11.52
C LEU B 4 25.62 10.54 -12.96
N THR B 5 26.57 10.29 -13.86
CA THR B 5 26.26 10.18 -15.27
C THR B 5 25.92 8.75 -15.67
N GLN B 6 24.68 8.55 -16.12
CA GLN B 6 24.21 7.24 -16.55
C GLN B 6 23.50 7.37 -17.89
N PRO B 7 23.71 6.40 -18.80
CA PRO B 7 22.98 6.40 -20.08
C PRO B 7 21.47 6.31 -19.85
N PRO B 8 20.70 7.18 -20.53
CA PRO B 8 19.25 7.30 -20.33
C PRO B 8 18.45 6.06 -20.70
N SER B 9 18.90 5.30 -21.69
CA SER B 9 18.16 4.13 -22.14
C SER B 9 19.05 3.00 -22.64
N ALA B 10 18.51 1.80 -22.65
CA ALA B 10 19.22 0.62 -23.16
C ALA B 10 18.23 -0.46 -23.55
N SER B 11 18.52 -1.16 -24.64
CA SER B 11 17.63 -2.20 -25.14
C SER B 11 18.41 -3.44 -25.57
N GLY B 12 17.72 -4.57 -25.66
CA GLY B 12 18.35 -5.82 -26.06
C GLY B 12 17.37 -6.98 -26.09
N SER B 13 17.52 -7.84 -27.09
CA SER B 13 16.68 -9.02 -27.23
C SER B 13 17.08 -10.09 -26.21
N PRO B 14 16.14 -10.96 -25.82
CA PRO B 14 16.40 -12.04 -24.88
C PRO B 14 17.57 -12.93 -25.30
N GLY B 15 18.49 -13.18 -24.37
CA GLY B 15 19.67 -13.98 -24.65
C GLY B 15 20.91 -13.12 -24.80
N GLN B 16 20.72 -11.86 -25.19
CA GLN B 16 21.82 -10.93 -25.36
C GLN B 16 22.34 -10.43 -24.01
N SER B 17 23.41 -9.64 -24.06
CA SER B 17 24.00 -9.08 -22.85
C SER B 17 24.07 -7.56 -22.94
N VAL B 18 23.68 -6.87 -21.87
CA VAL B 18 23.67 -5.41 -21.84
C VAL B 18 24.56 -4.86 -20.73
N THR B 19 25.35 -3.84 -21.08
CA THR B 19 26.24 -3.20 -20.12
C THR B 19 25.87 -1.74 -19.89
N ILE B 20 25.56 -1.41 -18.64
CA ILE B 20 25.19 -0.04 -18.26
C ILE B 20 26.31 0.66 -17.52
N SER B 21 26.78 1.77 -18.08
CA SER B 21 27.89 2.51 -17.48
C SER B 21 27.40 3.47 -16.40
N CYS B 22 28.31 3.90 -15.55
CA CYS B 22 28.00 4.84 -14.49
C CYS B 22 29.24 5.66 -14.14
N THR B 23 29.27 6.90 -14.64
CA THR B 23 30.45 7.74 -14.50
C THR B 23 30.31 8.78 -13.39
N GLY B 24 31.33 8.88 -12.55
CA GLY B 24 31.36 9.89 -11.50
C GLY B 24 32.63 10.71 -11.55
N THR B 25 33.11 11.13 -10.39
CA THR B 25 34.34 11.89 -10.31
C THR B 25 35.43 11.09 -9.59
N SER B 26 36.54 11.72 -9.28
CA SER B 26 37.64 11.05 -8.60
C SER B 26 37.46 11.14 -7.08
N SER B 27 36.29 11.62 -6.67
CA SER B 27 36.00 11.78 -5.24
C SER B 27 34.98 10.76 -4.77
N ASP B 28 34.43 9.99 -5.70
CA ASP B 28 33.47 8.95 -5.35
C ASP B 28 33.85 7.63 -6.03
N VAL B 29 33.47 7.48 -7.29
CA VAL B 29 33.84 6.30 -8.06
C VAL B 29 35.31 6.41 -8.45
N GLY B 30 36.15 5.57 -7.84
CA GLY B 30 37.58 5.63 -8.10
C GLY B 30 38.29 6.08 -6.84
N ALA B 31 37.51 6.57 -5.88
CA ALA B 31 38.04 6.95 -4.59
C ALA B 31 37.72 5.84 -3.61
N TYR B 32 36.48 5.37 -3.67
CA TYR B 32 36.01 4.29 -2.79
C TYR B 32 35.54 3.10 -3.62
N ASN B 33 35.42 1.95 -2.96
CA ASN B 33 34.83 0.78 -3.60
C ASN B 33 33.39 0.61 -3.17
N TYR B 34 32.79 1.70 -2.68
CA TYR B 34 31.41 1.69 -2.21
C TYR B 34 30.42 1.94 -3.33
N VAL B 35 30.54 1.18 -4.41
CA VAL B 35 29.65 1.31 -5.56
C VAL B 35 28.52 0.28 -5.48
N SER B 36 27.27 0.74 -5.63
CA SER B 36 26.12 -0.14 -5.56
C SER B 36 25.18 0.02 -6.76
N TRP B 37 24.49 -1.06 -7.11
CA TRP B 37 23.52 -1.03 -8.20
C TRP B 37 22.14 -1.47 -7.71
N TYR B 38 21.10 -0.90 -8.32
CA TYR B 38 19.72 -1.19 -7.90
C TYR B 38 18.79 -1.46 -9.07
N GLN B 39 17.76 -2.26 -8.81
CA GLN B 39 16.74 -2.57 -9.81
C GLN B 39 15.36 -2.14 -9.32
N GLN B 40 14.62 -1.42 -10.17
CA GLN B 40 13.30 -0.93 -9.77
C GLN B 40 12.24 -1.18 -10.86
N HIS B 41 11.29 -2.05 -10.53
CA HIS B 41 10.13 -2.28 -11.40
C HIS B 41 9.06 -1.22 -11.13
N PRO B 42 8.25 -0.88 -12.16
CA PRO B 42 7.23 0.15 -12.05
C PRO B 42 6.27 -0.06 -10.88
N GLY B 43 6.16 0.95 -10.02
CA GLY B 43 5.27 0.89 -8.88
C GLY B 43 5.90 0.20 -7.68
N LYS B 44 7.09 -0.35 -7.88
CA LYS B 44 7.78 -1.07 -6.81
C LYS B 44 8.99 -0.29 -6.29
N ALA B 45 9.47 -0.70 -5.13
CA ALA B 45 10.64 -0.08 -4.51
C ALA B 45 11.92 -0.68 -5.10
N PRO B 46 13.00 0.12 -5.14
CA PRO B 46 14.30 -0.35 -5.64
C PRO B 46 14.81 -1.60 -4.92
N LYS B 47 15.51 -2.45 -5.65
CA LYS B 47 16.07 -3.70 -5.12
C LYS B 47 17.57 -3.76 -5.32
N LEU B 48 18.32 -4.04 -4.26
CA LEU B 48 19.77 -4.14 -4.35
C LEU B 48 20.20 -5.37 -5.16
N MET B 49 20.97 -5.13 -6.21
CA MET B 49 21.44 -6.20 -7.09
C MET B 49 22.94 -6.42 -6.96
N ILE B 50 23.68 -5.32 -6.81
CA ILE B 50 25.13 -5.37 -6.69
C ILE B 50 25.64 -4.43 -5.60
N TYR B 51 26.46 -4.95 -4.69
CA TYR B 51 27.10 -4.13 -3.69
C TYR B 51 28.61 -4.32 -3.71
N GLU B 52 29.35 -3.29 -3.31
CA GLU B 52 30.81 -3.30 -3.34
C GLU B 52 31.32 -3.68 -4.73
N VAL B 53 30.92 -2.89 -5.72
CA VAL B 53 31.36 -3.03 -7.11
C VAL B 53 30.95 -4.34 -7.79
N ALA B 54 31.33 -5.47 -7.20
CA ALA B 54 31.14 -6.76 -7.86
C ALA B 54 30.36 -7.77 -7.03
N ARG B 55 30.42 -7.62 -5.71
CA ARG B 55 29.78 -8.59 -4.81
C ARG B 55 28.27 -8.58 -5.00
N ARG B 56 27.63 -9.71 -4.69
CA ARG B 56 26.23 -9.92 -5.05
C ARG B 56 25.44 -10.60 -3.93
N PRO B 57 24.32 -9.99 -3.53
CA PRO B 57 23.46 -10.47 -2.45
C PRO B 57 22.85 -11.85 -2.73
N SER B 58 22.42 -12.52 -1.67
CA SER B 58 21.78 -13.82 -1.82
C SER B 58 20.40 -13.66 -2.45
N GLY B 59 20.16 -14.41 -3.52
CA GLY B 59 18.89 -14.32 -4.22
C GLY B 59 19.04 -13.74 -5.61
N VAL B 60 20.08 -12.95 -5.81
CA VAL B 60 20.36 -12.37 -7.12
C VAL B 60 21.20 -13.33 -7.97
N PRO B 61 20.70 -13.66 -9.17
CA PRO B 61 21.38 -14.60 -10.07
C PRO B 61 22.78 -14.11 -10.49
N ASP B 62 23.65 -15.06 -10.84
CA ASP B 62 25.01 -14.73 -11.26
C ASP B 62 25.04 -14.00 -12.61
N ARG B 63 23.91 -13.97 -13.30
CA ARG B 63 23.82 -13.29 -14.59
C ARG B 63 24.13 -11.81 -14.47
N PHE B 64 23.88 -11.24 -13.29
CA PHE B 64 24.24 -9.86 -13.02
C PHE B 64 25.63 -9.78 -12.42
N SER B 65 26.43 -8.83 -12.89
CA SER B 65 27.79 -8.65 -12.40
C SER B 65 28.22 -7.20 -12.59
N GLY B 66 29.16 -6.76 -11.77
CA GLY B 66 29.64 -5.39 -11.81
C GLY B 66 31.14 -5.30 -11.84
N SER B 67 31.65 -4.16 -12.32
CA SER B 67 33.08 -3.93 -12.38
C SER B 67 33.38 -2.45 -12.16
N LYS B 68 34.65 -2.10 -12.14
CA LYS B 68 35.05 -0.72 -11.91
C LYS B 68 36.41 -0.43 -12.53
N SER B 69 36.49 0.66 -13.28
CA SER B 69 37.76 1.11 -13.84
C SER B 69 37.79 2.64 -13.92
N GLY B 70 38.75 3.25 -13.25
CA GLY B 70 38.84 4.69 -13.21
C GLY B 70 37.71 5.30 -12.41
N ASN B 71 36.94 6.16 -13.05
CA ASN B 71 35.78 6.78 -12.39
C ASN B 71 34.46 6.31 -12.98
N THR B 72 34.47 5.12 -13.57
CA THR B 72 33.27 4.58 -14.21
C THR B 72 32.99 3.13 -13.80
N ALA B 73 31.84 2.91 -13.18
CA ALA B 73 31.38 1.57 -12.85
C ALA B 73 30.45 1.04 -13.93
N SER B 74 30.31 -0.27 -14.01
CA SER B 74 29.47 -0.87 -15.05
C SER B 74 28.75 -2.13 -14.59
N LEU B 75 27.42 -2.13 -14.70
CA LEU B 75 26.62 -3.31 -14.40
C LEU B 75 26.27 -4.06 -15.67
N THR B 76 26.41 -5.39 -15.64
CA THR B 76 26.18 -6.19 -16.82
C THR B 76 25.31 -7.43 -16.57
N VAL B 77 24.21 -7.52 -17.32
CA VAL B 77 23.35 -8.70 -17.28
C VAL B 77 23.61 -9.51 -18.55
N SER B 78 24.12 -10.73 -18.38
CA SER B 78 24.60 -11.52 -19.50
C SER B 78 23.49 -12.30 -20.21
N GLY B 79 22.56 -12.86 -19.43
CA GLY B 79 21.46 -13.61 -19.99
C GLY B 79 20.15 -12.90 -19.82
N LEU B 80 19.80 -12.06 -20.79
CA LEU B 80 18.63 -11.19 -20.69
C LEU B 80 17.31 -11.96 -20.61
N GLN B 81 16.44 -11.50 -19.71
CA GLN B 81 15.12 -12.10 -19.52
C GLN B 81 14.03 -11.02 -19.51
N ALA B 82 12.79 -11.45 -19.67
CA ALA B 82 11.65 -10.53 -19.67
C ALA B 82 11.48 -9.89 -18.30
N GLU B 83 11.84 -10.62 -17.25
CA GLU B 83 11.68 -10.14 -15.88
C GLU B 83 12.76 -9.13 -15.49
N ASP B 84 13.65 -8.80 -16.43
CA ASP B 84 14.73 -7.86 -16.16
C ASP B 84 14.43 -6.48 -16.72
N GLU B 85 13.33 -6.34 -17.44
CA GLU B 85 12.95 -5.05 -18.01
C GLU B 85 12.46 -4.11 -16.92
N ALA B 86 13.36 -3.23 -16.47
CA ALA B 86 13.03 -2.27 -15.41
C ALA B 86 14.03 -1.12 -15.41
N ASP B 87 14.00 -0.32 -14.35
CA ASP B 87 14.95 0.77 -14.18
C ASP B 87 16.17 0.31 -13.36
N TYR B 88 17.34 0.84 -13.70
CA TYR B 88 18.56 0.47 -13.01
C TYR B 88 19.36 1.70 -12.57
N TYR B 89 19.59 1.82 -11.27
CA TYR B 89 20.33 2.96 -10.73
C TYR B 89 21.68 2.52 -10.16
N CYS B 90 22.68 3.39 -10.29
CA CYS B 90 23.98 3.17 -9.66
C CYS B 90 24.15 4.16 -8.51
N SER B 91 24.87 3.76 -7.47
CA SER B 91 25.14 4.65 -6.34
C SER B 91 26.59 4.58 -5.89
N SER B 92 27.04 5.61 -5.17
CA SER B 92 28.40 5.68 -4.69
C SER B 92 28.53 6.65 -3.51
N TYR B 93 29.41 6.33 -2.58
CA TYR B 93 29.69 7.22 -1.46
C TYR B 93 30.43 8.46 -1.95
N ALA B 94 29.97 9.63 -1.51
CA ALA B 94 30.59 10.89 -1.92
C ALA B 94 30.73 11.86 -0.74
N GLY B 95 30.81 11.31 0.46
CA GLY B 95 30.95 12.13 1.65
C GLY B 95 29.80 11.91 2.62
N SER B 96 29.88 12.51 3.79
CA SER B 96 28.83 12.35 4.78
C SER B 96 27.57 13.09 4.33
N ASN B 97 27.77 14.21 3.63
CA ASN B 97 26.67 15.00 3.11
C ASN B 97 26.13 14.43 1.80
N ASN B 98 26.75 13.35 1.34
CA ASN B 98 26.30 12.62 0.16
C ASN B 98 26.64 11.15 0.28
N PHE B 99 25.95 10.46 1.19
CA PHE B 99 26.26 9.07 1.49
C PHE B 99 26.01 8.16 0.30
N ALA B 100 25.12 8.59 -0.59
CA ALA B 100 24.81 7.80 -1.77
C ALA B 100 24.33 8.69 -2.90
N VAL B 101 25.22 9.01 -3.83
CA VAL B 101 24.85 9.76 -5.02
C VAL B 101 24.42 8.80 -6.12
N PHE B 102 23.15 8.86 -6.48
CA PHE B 102 22.61 7.98 -7.51
C PHE B 102 22.90 8.51 -8.90
N GLY B 103 22.61 7.69 -9.91
CA GLY B 103 22.75 8.10 -11.29
C GLY B 103 21.43 8.64 -11.80
N ARG B 104 21.41 9.08 -13.06
CA ARG B 104 20.20 9.63 -13.66
C ARG B 104 19.14 8.55 -13.85
N GLY B 105 19.57 7.30 -13.98
CA GLY B 105 18.66 6.19 -14.14
C GLY B 105 18.61 5.69 -15.57
N THR B 106 18.47 4.37 -15.73
CA THR B 106 18.41 3.75 -17.05
C THR B 106 17.22 2.81 -17.20
N LYS B 107 16.35 3.10 -18.17
CA LYS B 107 15.22 2.24 -18.46
C LYS B 107 15.62 1.12 -19.42
N LEU B 108 15.80 -0.09 -18.89
CA LEU B 108 16.18 -1.23 -19.72
C LEU B 108 14.96 -1.92 -20.31
N THR B 109 14.93 -2.04 -21.64
CA THR B 109 13.79 -2.63 -22.34
C THR B 109 14.14 -3.92 -23.08
N VAL B 110 13.39 -4.98 -22.79
CA VAL B 110 13.56 -6.25 -23.49
C VAL B 110 12.64 -6.29 -24.72
N LEU B 111 13.24 -6.25 -25.90
CA LEU B 111 12.50 -6.10 -27.15
C LEU B 111 11.83 -7.37 -27.66
N ALA B 112 12.07 -8.48 -26.99
CA ALA B 112 11.50 -9.78 -27.37
C ALA B 112 11.82 -10.13 -28.82
N PRO C 7 57.10 -3.46 8.76
CA PRO C 7 56.08 -3.25 7.71
C PRO C 7 55.14 -2.11 8.05
N PHE C 9 54.86 -0.87 10.88
CA PHE C 9 55.39 -0.65 12.21
C PHE C 9 55.04 0.73 12.77
N GLU C 10 55.08 1.75 11.93
CA GLU C 10 54.81 3.11 12.36
C GLU C 10 53.33 3.35 12.67
N SER C 11 52.46 2.63 11.96
CA SER C 11 51.02 2.76 12.18
C SER C 11 50.62 2.11 13.51
N ALA C 13 52.69 1.85 16.07
CA ALA C 13 53.34 2.62 17.12
C ALA C 13 52.52 3.87 17.47
N ALA C 14 51.92 4.45 16.44
CA ALA C 14 51.10 5.64 16.63
C ALA C 14 49.80 5.30 17.37
N LEU C 15 49.19 4.18 17.00
CA LEU C 15 47.95 3.76 17.62
C LEU C 15 48.18 3.34 19.06
N LEU C 16 49.31 2.70 19.31
CA LEU C 16 49.66 2.27 20.65
C LEU C 16 49.93 3.48 21.56
N ALA C 17 50.45 4.54 20.96
CA ALA C 17 50.75 5.75 21.71
C ALA C 17 49.49 6.54 22.03
N ALA C 18 48.41 6.22 21.34
CA ALA C 18 47.16 6.96 21.50
C ALA C 18 46.26 6.32 22.55
N ARG C 19 46.09 5.00 22.49
CA ARG C 19 45.12 4.33 23.35
C ARG C 19 45.76 3.44 24.41
N GLY C 20 46.95 2.93 24.13
CA GLY C 20 47.64 2.09 25.09
C GLY C 20 47.51 0.60 24.79
N PRO C 21 48.12 -0.24 25.63
CA PRO C 21 48.15 -1.69 25.45
C PRO C 21 47.11 -2.43 26.30
N GLU C 22 46.11 -1.71 26.80
CA GLU C 22 45.14 -2.31 27.69
C GLU C 22 43.82 -2.64 26.98
N GLU C 23 43.85 -2.59 25.66
CA GLU C 23 42.66 -2.91 24.88
C GLU C 23 43.05 -3.43 23.49
N LEU C 24 42.10 -4.09 22.83
CA LEU C 24 42.34 -4.63 21.50
C LEU C 24 42.40 -3.51 20.46
N LEU C 25 43.57 -3.31 19.89
CA LEU C 25 43.77 -2.24 18.91
C LEU C 25 43.58 -2.73 17.48
N CYS C 26 42.59 -2.16 16.79
CA CYS C 26 42.30 -2.52 15.41
C CYS C 26 42.31 -1.28 14.52
N PHE C 27 42.84 -1.42 13.31
CA PHE C 27 42.84 -0.31 12.36
C PHE C 27 42.87 -0.80 10.92
N THR C 28 42.39 0.06 10.01
CA THR C 28 42.44 -0.23 8.58
C THR C 28 43.16 0.91 7.86
N GLU C 29 43.82 0.59 6.76
CA GLU C 29 44.60 1.58 6.04
C GLU C 29 43.93 2.04 4.74
N ARG C 30 43.25 1.13 4.05
CA ARG C 30 42.66 1.47 2.77
C ARG C 30 41.24 0.90 2.61
N LEU C 31 40.55 0.71 3.73
CA LEU C 31 39.16 0.26 3.75
C LEU C 31 38.95 -1.08 3.04
N GLU C 32 40.02 -1.87 2.93
CA GLU C 32 39.93 -3.18 2.30
C GLU C 32 40.77 -4.17 3.10
N ASP C 33 41.26 -3.72 4.24
CA ASP C 33 42.08 -4.54 5.12
C ASP C 33 41.68 -4.30 6.57
N LEU C 34 42.15 -5.15 7.46
CA LEU C 34 41.91 -4.97 8.89
C LEU C 34 42.89 -5.79 9.72
N VAL C 35 43.62 -5.13 10.61
CA VAL C 35 44.57 -5.80 11.48
C VAL C 35 44.31 -5.44 12.94
N CYS C 36 44.11 -6.47 13.76
CA CYS C 36 43.91 -6.29 15.19
C CYS C 36 45.10 -6.83 15.98
N PHE C 37 45.58 -6.05 16.95
CA PHE C 37 46.74 -6.46 17.74
C PHE C 37 46.67 -5.98 19.19
N TRP C 38 47.37 -6.67 20.07
CA TRP C 38 47.47 -6.28 21.47
C TRP C 38 48.82 -6.69 22.06
N GLU C 39 49.06 -6.31 23.31
CA GLU C 39 50.34 -6.57 23.94
C GLU C 39 50.23 -7.22 25.31
N GLU C 40 51.30 -7.89 25.73
CA GLU C 40 51.37 -8.52 27.04
C GLU C 40 52.75 -8.32 27.66
N ALA C 41 52.79 -8.19 28.98
CA ALA C 41 54.05 -8.01 29.69
C ALA C 41 54.93 -9.25 29.61
N PRO C 48 54.62 -14.94 29.14
CA PRO C 48 54.20 -15.05 27.74
C PRO C 48 52.71 -15.40 27.62
N GLY C 49 52.41 -16.66 27.36
CA GLY C 49 51.04 -17.12 27.23
C GLY C 49 50.53 -17.18 25.79
N GLN C 50 49.42 -17.88 25.60
CA GLN C 50 48.80 -18.02 24.29
C GLN C 50 47.35 -17.52 24.29
N TYR C 51 46.90 -17.07 23.12
CA TYR C 51 45.56 -16.51 22.98
C TYR C 51 44.86 -17.01 21.73
N SER C 52 43.53 -16.86 21.69
CA SER C 52 42.73 -17.28 20.56
C SER C 52 41.83 -16.15 20.05
N PHE C 53 42.15 -15.66 18.85
CA PHE C 53 41.36 -14.59 18.24
C PHE C 53 40.18 -15.17 17.47
N SER C 54 39.00 -14.59 17.65
CA SER C 54 37.81 -15.06 16.95
C SER C 54 36.87 -13.89 16.62
N TYR C 55 36.19 -13.98 15.48
CA TYR C 55 35.30 -12.91 15.05
C TYR C 55 34.02 -13.42 14.40
N GLN C 56 32.98 -12.60 14.45
CA GLN C 56 31.71 -12.90 13.80
C GLN C 56 31.26 -11.75 12.91
N LEU C 57 31.07 -12.04 11.63
CA LEU C 57 30.60 -11.04 10.67
C LEU C 57 29.09 -11.19 10.47
N GLU C 58 28.32 -10.25 11.01
CA GLU C 58 26.86 -10.28 10.93
C GLU C 58 26.29 -11.58 11.50
N ASP C 59 25.49 -12.28 10.69
CA ASP C 59 24.87 -13.53 11.13
C ASP C 59 25.66 -14.73 10.62
N GLU C 60 26.79 -14.48 9.97
CA GLU C 60 27.66 -15.56 9.51
C GLU C 60 28.33 -16.22 10.71
N PRO C 61 28.62 -17.53 10.61
CA PRO C 61 29.23 -18.30 11.71
C PRO C 61 30.59 -17.77 12.16
N TRP C 62 30.95 -18.04 13.41
CA TRP C 62 32.21 -17.57 13.97
C TRP C 62 33.39 -18.14 13.21
N LEU C 64 37.71 -18.40 13.48
CA LEU C 64 38.98 -18.16 14.15
C LEU C 64 39.96 -17.51 13.21
N CYS C 65 40.91 -16.76 13.77
CA CYS C 65 41.93 -16.09 12.97
C CYS C 65 43.32 -16.53 13.39
N ARG C 66 44.22 -16.68 12.42
CA ARG C 66 45.58 -17.08 12.70
C ARG C 66 46.33 -15.97 13.41
N LEU C 67 46.93 -16.28 14.55
CA LEU C 67 47.65 -15.29 15.34
C LEU C 67 49.15 -15.40 15.14
N HIS C 68 49.81 -14.25 15.01
CA HIS C 68 51.26 -14.20 14.91
C HIS C 68 51.84 -13.50 16.14
N GLN C 69 53.09 -13.78 16.45
CA GLN C 69 53.74 -13.22 17.63
C GLN C 69 55.07 -12.54 17.28
N ALA C 70 55.43 -11.53 18.07
CA ALA C 70 56.70 -10.84 17.90
C ALA C 70 57.04 -10.06 19.18
N PRO C 71 58.31 -10.11 19.59
CA PRO C 71 58.78 -9.34 20.75
C PRO C 71 58.83 -7.84 20.45
N THR C 72 58.81 -7.03 21.50
CA THR C 72 58.83 -5.57 21.35
C THR C 72 60.04 -4.95 22.05
N ALA C 73 59.92 -4.77 23.36
CA ALA C 73 60.99 -4.20 24.15
C ALA C 73 60.95 -4.71 25.58
N ALA C 76 58.03 -6.76 25.95
CA ALA C 76 56.65 -7.19 25.83
C ALA C 76 56.43 -8.03 24.57
N VAL C 77 55.32 -8.74 24.52
CA VAL C 77 54.99 -9.56 23.35
C VAL C 77 53.73 -9.08 22.65
N ARG C 78 53.82 -8.87 21.34
CA ARG C 78 52.69 -8.36 20.57
C ARG C 78 52.08 -9.46 19.69
N PHE C 79 50.79 -9.72 19.91
CA PHE C 79 50.04 -10.67 19.09
C PHE C 79 49.20 -9.90 18.08
N TRP C 80 49.02 -10.46 16.88
CA TRP C 80 48.14 -9.82 15.91
C TRP C 80 47.49 -10.78 14.91
N CYS C 81 46.43 -10.29 14.27
CA CYS C 81 45.68 -11.05 13.29
C CYS C 81 45.23 -10.15 12.14
N SER C 82 45.49 -10.59 10.91
CA SER C 82 45.01 -9.87 9.72
C SER C 82 43.80 -10.57 9.13
N LEU C 83 42.63 -9.96 9.24
CA LEU C 83 41.41 -10.58 8.74
C LEU C 83 41.46 -10.77 7.23
N PRO C 84 40.81 -11.84 6.74
CA PRO C 84 40.64 -12.06 5.31
C PRO C 84 39.94 -10.87 4.65
N THR C 85 40.33 -10.54 3.43
CA THR C 85 39.79 -9.39 2.73
C THR C 85 38.28 -9.52 2.54
N ALA C 86 37.80 -10.76 2.44
CA ALA C 86 36.38 -11.03 2.22
C ALA C 86 35.50 -10.62 3.41
N ASP C 87 36.12 -10.39 4.57
CA ASP C 87 35.38 -10.05 5.77
C ASP C 87 35.61 -8.62 6.24
N THR C 88 36.12 -7.77 5.34
CA THR C 88 36.41 -6.38 5.71
C THR C 88 35.38 -5.40 5.15
N SER C 89 34.12 -5.79 5.17
CA SER C 89 33.04 -4.92 4.70
C SER C 89 32.79 -3.79 5.69
N SER C 90 32.37 -2.64 5.19
CA SER C 90 32.15 -1.46 6.04
C SER C 90 30.68 -1.26 6.37
N PHE C 91 30.42 -0.39 7.34
CA PHE C 91 29.06 -0.06 7.80
C PHE C 91 28.30 -1.30 8.24
N VAL C 92 29.04 -2.24 8.83
CA VAL C 92 28.50 -3.53 9.23
C VAL C 92 29.09 -4.00 10.55
N PRO C 93 28.24 -4.53 11.45
CA PRO C 93 28.70 -4.98 12.77
C PRO C 93 29.65 -6.17 12.68
N LEU C 94 30.86 -5.99 13.21
CA LEU C 94 31.84 -7.06 13.27
C LEU C 94 32.26 -7.28 14.71
N GLU C 95 31.84 -8.42 15.27
CA GLU C 95 32.11 -8.71 16.67
C GLU C 95 33.46 -9.41 16.82
N LEU C 96 34.32 -8.85 17.65
CA LEU C 96 35.65 -9.40 17.88
C LEU C 96 35.79 -9.95 19.28
N ARG C 97 36.54 -11.02 19.42
CA ARG C 97 36.74 -11.66 20.72
C ARG C 97 38.15 -12.22 20.82
N VAL C 98 38.86 -11.84 21.87
CA VAL C 98 40.16 -12.42 22.17
C VAL C 98 40.09 -13.26 23.44
N THR C 99 40.32 -14.56 23.29
CA THR C 99 40.23 -15.48 24.41
C THR C 99 41.60 -16.07 24.75
N ALA C 100 41.94 -16.07 26.04
CA ALA C 100 43.21 -16.64 26.48
C ALA C 100 43.19 -18.17 26.38
N ALA C 101 44.36 -18.78 26.38
CA ALA C 101 44.46 -20.23 26.27
C ALA C 101 43.91 -20.91 27.51
N SER C 102 43.89 -20.17 28.62
CA SER C 102 43.35 -20.68 29.87
C SER C 102 41.82 -20.73 29.84
N GLY C 103 41.24 -20.13 28.80
CA GLY C 103 39.80 -20.10 28.64
C GLY C 103 39.24 -18.80 29.15
N ALA C 104 40.11 -17.98 29.73
CA ALA C 104 39.72 -16.71 30.31
C ALA C 104 39.46 -15.66 29.24
N PRO C 105 38.34 -14.95 29.35
CA PRO C 105 38.00 -13.87 28.41
C PRO C 105 38.96 -12.68 28.57
N ARG C 106 39.52 -12.20 27.46
CA ARG C 106 40.43 -11.06 27.53
C ARG C 106 39.84 -9.80 26.93
N TYR C 107 39.51 -9.86 25.64
CA TYR C 107 38.96 -8.70 24.94
C TYR C 107 37.68 -9.04 24.19
N HIS C 108 36.78 -8.07 24.10
CA HIS C 108 35.51 -8.25 23.41
C HIS C 108 35.06 -6.91 22.82
N ARG C 109 35.04 -6.82 21.50
CA ARG C 109 34.68 -5.57 20.82
C ARG C 109 33.72 -5.78 19.66
N VAL C 110 32.89 -4.78 19.42
CA VAL C 110 32.05 -4.75 18.23
C VAL C 110 32.39 -3.51 17.42
N ILE C 111 33.01 -3.71 16.25
CA ILE C 111 33.50 -2.59 15.47
C ILE C 111 32.91 -2.52 14.07
N HIS C 112 33.02 -1.33 13.48
CA HIS C 112 32.79 -1.14 12.05
C HIS C 112 34.13 -0.81 11.40
N ILE C 113 34.42 -1.41 10.26
CA ILE C 113 35.70 -1.21 9.58
C ILE C 113 35.94 0.27 9.26
N ASN C 114 34.88 0.95 8.81
CA ASN C 114 34.99 2.35 8.44
C ASN C 114 35.18 3.28 9.64
N GLU C 115 35.07 2.73 10.84
CA GLU C 115 35.18 3.53 12.06
C GLU C 115 36.52 3.35 12.76
N VAL C 116 37.46 2.70 12.09
CA VAL C 116 38.80 2.51 12.64
C VAL C 116 39.88 2.80 11.60
N VAL C 117 39.69 3.85 10.82
CA VAL C 117 40.61 4.18 9.74
C VAL C 117 41.89 4.84 10.27
N LEU C 118 43.02 4.21 9.98
CA LEU C 118 44.33 4.78 10.29
C LEU C 118 45.18 4.79 9.04
N LEU C 119 45.22 5.93 8.36
CA LEU C 119 45.93 6.05 7.09
C LEU C 119 47.43 5.86 7.24
N ASP C 120 48.10 5.65 6.11
CA ASP C 120 49.56 5.57 6.08
C ASP C 120 50.13 6.98 6.17
N ALA C 121 51.35 7.11 6.69
CA ALA C 121 51.96 8.42 6.85
C ALA C 121 52.21 9.09 5.51
N PRO C 122 51.96 10.40 5.43
CA PRO C 122 52.27 11.19 4.23
C PRO C 122 53.75 11.13 3.89
N VAL C 123 54.08 11.32 2.62
CA VAL C 123 55.46 11.21 2.17
C VAL C 123 55.83 12.35 1.22
N GLY C 124 57.11 12.43 0.90
CA GLY C 124 57.62 13.41 -0.05
C GLY C 124 57.52 14.84 0.48
N LEU C 125 57.72 15.00 1.78
CA LEU C 125 57.67 16.32 2.40
C LEU C 125 58.90 17.15 2.02
N VAL C 126 58.68 18.39 1.57
CA VAL C 126 59.77 19.27 1.17
C VAL C 126 59.52 20.71 1.65
N ALA C 127 60.52 21.28 2.31
CA ALA C 127 60.42 22.65 2.83
C ALA C 127 61.34 23.63 2.12
N ARG C 128 60.79 24.78 1.73
CA ARG C 128 61.58 25.83 1.08
C ARG C 128 61.19 27.20 1.60
N LEU C 129 62.05 28.19 1.36
CA LEU C 129 61.77 29.56 1.79
C LEU C 129 61.17 30.39 0.65
N ALA C 130 60.24 31.29 1.00
CA ALA C 130 59.63 32.17 0.02
C ALA C 130 60.01 33.64 0.20
N HIS C 135 58.48 33.92 4.26
CA HIS C 135 57.73 32.81 4.85
C HIS C 135 58.41 31.47 4.55
N VAL C 136 57.75 30.40 4.98
CA VAL C 136 58.20 29.04 4.67
C VAL C 136 57.06 28.24 4.07
N VAL C 137 57.28 27.72 2.86
CA VAL C 137 56.25 26.95 2.16
C VAL C 137 56.48 25.45 2.29
N LEU C 138 55.46 24.74 2.75
CA LEU C 138 55.53 23.29 2.92
C LEU C 138 54.71 22.57 1.86
N ARG C 139 55.31 21.56 1.24
CA ARG C 139 54.61 20.73 0.27
C ARG C 139 54.86 19.25 0.56
N TRP C 140 53.83 18.43 0.36
CA TRP C 140 53.95 17.00 0.59
C TRP C 140 53.04 16.20 -0.34
N LEU C 141 53.08 14.89 -0.20
CA LEU C 141 52.25 14.01 -1.00
C LEU C 141 51.31 13.20 -0.11
N PRO C 142 50.08 12.96 -0.58
CA PRO C 142 49.10 12.16 0.16
C PRO C 142 49.60 10.74 0.43
N PRO C 143 49.00 10.05 1.41
CA PRO C 143 49.37 8.65 1.71
C PRO C 143 49.38 7.78 0.46
N PRO C 144 50.43 6.97 0.29
CA PRO C 144 50.59 6.09 -0.87
C PRO C 144 49.42 5.12 -1.05
N GLU C 145 48.99 4.94 -2.29
CA GLU C 145 47.89 4.03 -2.64
C GLU C 145 46.62 4.32 -1.84
N THR C 146 46.31 5.60 -1.71
CA THR C 146 45.11 6.03 -0.99
C THR C 146 44.33 7.04 -1.85
N PRO C 147 43.32 6.55 -2.58
CA PRO C 147 42.59 7.33 -3.58
C PRO C 147 41.56 8.31 -3.03
N MET C 148 41.46 8.44 -1.71
CA MET C 148 40.50 9.37 -1.11
C MET C 148 41.15 10.72 -0.83
N THR C 149 42.14 11.09 -1.66
CA THR C 149 42.95 12.28 -1.45
C THR C 149 42.14 13.55 -1.24
N SER C 150 40.98 13.63 -1.89
CA SER C 150 40.12 14.80 -1.78
C SER C 150 39.40 14.84 -0.44
N HIS C 151 39.34 13.69 0.23
CA HIS C 151 38.68 13.58 1.53
C HIS C 151 39.67 13.35 2.66
N ILE C 152 40.90 13.83 2.47
CA ILE C 152 41.93 13.69 3.49
C ILE C 152 42.34 15.05 4.04
N ARG C 153 42.27 15.20 5.36
CA ARG C 153 42.74 16.41 6.01
C ARG C 153 44.08 16.14 6.70
N TYR C 154 44.92 17.18 6.78
CA TYR C 154 46.27 17.02 7.33
C TYR C 154 46.51 17.92 8.53
N GLU C 155 47.64 17.71 9.19
CA GLU C 155 48.06 18.54 10.32
C GLU C 155 49.58 18.69 10.33
N VAL C 156 50.04 19.93 10.40
CA VAL C 156 51.47 20.22 10.34
C VAL C 156 52.04 20.57 11.71
N ASP C 157 53.15 19.94 12.06
CA ASP C 157 53.84 20.25 13.31
C ASP C 157 55.08 21.10 13.05
N VAL C 158 55.27 22.13 13.86
CA VAL C 158 56.44 22.97 13.78
C VAL C 158 57.14 23.03 15.14
N SER C 159 58.35 22.51 15.21
CA SER C 159 59.06 22.45 16.48
C SER C 159 60.47 23.04 16.39
N ALA C 160 61.09 23.28 17.56
CA ALA C 160 62.42 23.83 17.64
C ALA C 160 63.23 23.16 18.76
N GLY C 161 64.48 23.60 18.93
CA GLY C 161 65.33 23.04 19.97
C GLY C 161 65.26 23.86 21.25
N ALA C 164 62.19 23.96 23.56
CA ALA C 164 61.17 24.76 22.90
C ALA C 164 59.93 23.92 22.60
N GLY C 165 60.16 22.68 22.17
CA GLY C 165 59.08 21.76 21.85
C GLY C 165 58.33 22.11 20.59
N SER C 166 57.05 21.78 20.55
CA SER C 166 56.21 22.03 19.38
C SER C 166 55.64 23.45 19.38
N VAL C 167 56.25 24.33 18.59
CA VAL C 167 55.85 25.73 18.57
C VAL C 167 54.50 25.97 17.88
N GLN C 168 54.28 25.30 16.75
CA GLN C 168 53.04 25.50 15.99
C GLN C 168 52.42 24.19 15.53
N ARG C 169 51.09 24.14 15.56
CA ARG C 169 50.35 23.00 15.02
C ARG C 169 49.25 23.52 14.11
N VAL C 170 49.43 23.35 12.81
CA VAL C 170 48.52 23.92 11.82
C VAL C 170 47.65 22.88 11.15
N GLU C 171 46.34 23.14 11.08
CA GLU C 171 45.40 22.23 10.43
C GLU C 171 45.22 22.57 8.95
N ILE C 172 45.32 21.55 8.10
CA ILE C 172 45.11 21.72 6.67
C ILE C 172 43.91 20.91 6.22
N LEU C 173 42.96 21.57 5.56
CA LEU C 173 41.69 20.94 5.22
C LEU C 173 41.46 20.79 3.71
N GLU C 174 40.39 20.07 3.36
CA GLU C 174 39.92 19.96 1.98
C GLU C 174 40.93 19.35 1.02
N GLY C 175 41.74 18.42 1.51
CA GLY C 175 42.65 17.68 0.65
C GLY C 175 43.80 18.51 0.09
N ARG C 176 44.08 19.64 0.71
CA ARG C 176 45.18 20.50 0.27
C ARG C 176 46.53 19.88 0.61
N THR C 177 47.47 19.98 -0.31
CA THR C 177 48.78 19.39 -0.12
C THR C 177 49.87 20.46 -0.01
N GLU C 178 49.44 21.68 0.32
CA GLU C 178 50.36 22.80 0.46
C GLU C 178 50.06 23.58 1.74
N CYS C 179 51.12 24.07 2.39
CA CYS C 179 50.96 24.84 3.62
C CYS C 179 52.00 25.95 3.69
N VAL C 180 51.56 27.14 4.05
CA VAL C 180 52.46 28.28 4.18
C VAL C 180 52.54 28.74 5.64
N LEU C 181 53.71 28.59 6.23
CA LEU C 181 53.91 28.96 7.63
C LEU C 181 54.32 30.42 7.80
N SER C 182 53.86 31.01 8.90
CA SER C 182 54.12 32.42 9.17
C SER C 182 54.64 32.60 10.59
N ASN C 183 55.08 33.82 10.89
CA ASN C 183 55.66 34.17 12.20
C ASN C 183 56.68 33.16 12.73
N LEU C 184 57.71 32.91 11.94
CA LEU C 184 58.81 32.04 12.36
C LEU C 184 60.04 32.88 12.67
N ARG C 185 60.70 32.57 13.78
CA ARG C 185 61.86 33.36 14.21
C ARG C 185 63.08 33.06 13.35
N GLY C 186 63.87 34.09 13.08
CA GLY C 186 65.05 33.98 12.25
C GLY C 186 66.20 33.26 12.92
N ARG C 187 67.10 32.72 12.10
CA ARG C 187 68.27 31.97 12.57
C ARG C 187 67.88 30.85 13.53
N THR C 188 66.83 30.11 13.18
CA THR C 188 66.33 29.02 14.00
C THR C 188 66.07 27.78 13.16
N ARG C 189 66.52 26.62 13.66
CA ARG C 189 66.33 25.37 12.93
C ARG C 189 64.98 24.73 13.29
N TYR C 190 64.03 24.84 12.37
CA TYR C 190 62.69 24.27 12.56
C TYR C 190 62.57 22.89 11.92
N THR C 191 61.81 22.01 12.56
CA THR C 191 61.54 20.67 12.04
C THR C 191 60.06 20.53 11.72
N PHE C 192 59.74 20.07 10.51
CA PHE C 192 58.35 19.98 10.08
C PHE C 192 57.93 18.53 9.83
N ALA C 193 56.66 18.23 10.14
CA ALA C 193 56.11 16.90 9.92
C ALA C 193 54.61 16.98 9.66
N VAL C 194 54.08 16.03 8.90
CA VAL C 194 52.67 16.03 8.53
C VAL C 194 52.02 14.67 8.77
N ARG C 195 50.84 14.69 9.37
CA ARG C 195 50.06 13.47 9.63
C ARG C 195 48.75 13.55 8.86
N ALA C 196 48.12 12.40 8.61
CA ALA C 196 46.89 12.37 7.82
C ALA C 196 45.73 11.71 8.57
N ARG C 197 44.53 12.12 8.22
CA ARG C 197 43.31 11.61 8.83
C ARG C 197 42.14 11.74 7.88
N MET C 198 41.15 10.87 8.04
CA MET C 198 39.93 10.95 7.24
C MET C 198 39.11 12.16 7.64
N ALA C 199 38.77 12.99 6.66
CA ALA C 199 38.04 14.23 6.92
C ALA C 199 36.54 14.00 7.09
N GLU C 200 35.97 13.11 6.28
CA GLU C 200 34.54 12.87 6.31
C GLU C 200 34.08 12.20 7.60
N PRO C 201 33.05 12.77 8.24
CA PRO C 201 32.49 12.30 9.51
C PRO C 201 31.94 10.87 9.45
N SER C 202 31.70 10.36 8.25
CA SER C 202 31.21 9.00 8.11
C SER C 202 32.28 7.99 8.55
N PHE C 203 33.51 8.47 8.61
CA PHE C 203 34.63 7.63 9.04
C PHE C 203 35.11 8.05 10.42
N GLY C 204 35.48 7.05 11.21
CA GLY C 204 36.11 7.28 12.49
C GLY C 204 37.49 6.66 12.45
N GLY C 205 38.33 7.01 13.41
CA GLY C 205 39.66 6.44 13.46
C GLY C 205 40.67 7.32 14.14
N PHE C 206 41.90 7.31 13.63
CA PHE C 206 43.01 7.98 14.27
C PHE C 206 43.89 8.67 13.25
N TRP C 207 44.76 9.55 13.73
CA TRP C 207 45.74 10.20 12.88
C TRP C 207 46.76 9.18 12.39
N SER C 208 47.33 9.44 11.22
CA SER C 208 48.42 8.61 10.71
C SER C 208 49.68 8.89 11.52
N ALA C 209 50.70 8.05 11.34
CA ALA C 209 51.99 8.31 11.93
C ALA C 209 52.59 9.56 11.30
N TRP C 210 53.45 10.25 12.03
CA TRP C 210 54.11 11.44 11.51
C TRP C 210 54.98 11.09 10.31
N SER C 211 55.04 11.99 9.33
CA SER C 211 55.89 11.79 8.17
C SER C 211 57.36 11.92 8.55
N GLU C 212 58.24 11.51 7.64
CA GLU C 212 59.67 11.71 7.87
C GLU C 212 59.98 13.21 7.88
N PRO C 213 60.55 13.69 8.98
CA PRO C 213 60.77 15.12 9.25
C PRO C 213 61.69 15.81 8.25
N VAL C 214 61.49 17.12 8.09
CA VAL C 214 62.31 17.95 7.22
C VAL C 214 62.75 19.21 7.97
N SER C 215 64.06 19.45 8.02
CA SER C 215 64.58 20.59 8.75
C SER C 215 64.88 21.79 7.85
N LEU C 216 64.89 22.98 8.42
CA LEU C 216 65.14 24.21 7.68
C LEU C 216 65.70 25.29 8.60
N LEU C 217 66.71 26.02 8.14
CA LEU C 217 67.31 27.08 8.91
C LEU C 217 66.99 28.45 8.32
N THR C 218 66.24 29.25 9.05
CA THR C 218 65.83 30.57 8.58
C THR C 218 66.98 31.58 8.66
N GLU D 8 -8.02 -19.22 2.46
CA GLU D 8 -7.96 -17.85 2.92
C GLU D 8 -8.28 -16.87 1.79
N VAL D 9 -9.23 -15.98 2.02
CA VAL D 9 -9.61 -14.99 1.02
C VAL D 9 -8.58 -13.87 0.94
N GLN D 10 -8.16 -13.53 -0.28
CA GLN D 10 -7.13 -12.52 -0.49
C GLN D 10 -7.47 -11.54 -1.60
N LEU D 11 -7.37 -10.24 -1.29
CA LEU D 11 -7.57 -9.19 -2.28
C LEU D 11 -6.40 -8.20 -2.24
N VAL D 12 -5.78 -7.99 -3.40
CA VAL D 12 -4.61 -7.11 -3.49
C VAL D 12 -4.75 -6.05 -4.59
N GLU D 13 -4.71 -4.78 -4.19
CA GLU D 13 -4.79 -3.67 -5.14
C GLU D 13 -3.39 -3.19 -5.56
N SER D 14 -3.30 -2.64 -6.76
CA SER D 14 -2.05 -2.07 -7.26
C SER D 14 -2.30 -1.14 -8.44
N GLY D 15 -1.30 -0.33 -8.76
CA GLY D 15 -1.39 0.57 -9.90
C GLY D 15 -1.63 2.01 -9.49
N GLY D 16 -1.68 2.25 -8.19
CA GLY D 16 -1.90 3.59 -7.67
C GLY D 16 -0.65 4.46 -7.77
N GLY D 17 -0.81 5.74 -7.45
CA GLY D 17 0.30 6.68 -7.50
C GLY D 17 -0.17 8.08 -7.81
N LEU D 18 0.78 8.97 -8.08
CA LEU D 18 0.46 10.37 -8.39
C LEU D 18 0.05 10.49 -9.85
N VAL D 19 -1.02 11.24 -10.10
CA VAL D 19 -1.49 11.48 -11.46
C VAL D 19 -1.90 12.94 -11.67
N GLN D 20 -1.36 13.55 -12.72
CA GLN D 20 -1.69 14.94 -13.05
C GLN D 20 -3.16 15.06 -13.46
N PRO D 21 -3.81 16.18 -13.09
CA PRO D 21 -5.22 16.44 -13.40
C PRO D 21 -5.55 16.29 -14.89
N GLY D 22 -6.54 15.46 -15.20
CA GLY D 22 -6.94 15.22 -16.57
C GLY D 22 -6.27 14.00 -17.20
N GLY D 23 -5.39 13.36 -16.42
CA GLY D 23 -4.65 12.21 -16.89
C GLY D 23 -5.46 10.92 -16.81
N SER D 24 -4.77 9.80 -17.00
CA SER D 24 -5.41 8.49 -16.96
C SER D 24 -4.64 7.50 -16.09
N LEU D 25 -5.38 6.65 -15.40
CA LEU D 25 -4.76 5.66 -14.50
C LEU D 25 -5.59 4.40 -14.41
N ARG D 26 -4.93 3.25 -14.41
CA ARG D 26 -5.61 1.97 -14.32
C ARG D 26 -5.23 1.22 -13.05
N LEU D 27 -6.24 0.91 -12.23
CA LEU D 27 -6.04 0.16 -11.00
C LEU D 27 -6.36 -1.31 -11.21
N SER D 28 -5.61 -2.19 -10.53
CA SER D 28 -5.85 -3.63 -10.61
C SER D 28 -6.15 -4.22 -9.25
N CYS D 29 -6.89 -5.33 -9.25
CA CYS D 29 -7.22 -6.05 -8.02
C CYS D 29 -7.13 -7.56 -8.25
N ALA D 30 -6.07 -8.17 -7.76
CA ALA D 30 -5.90 -9.62 -7.86
C ALA D 30 -6.72 -10.32 -6.77
N VAL D 31 -7.60 -11.22 -7.19
CA VAL D 31 -8.52 -11.84 -6.25
C VAL D 31 -8.33 -13.36 -6.17
N SER D 32 -8.30 -13.88 -4.95
CA SER D 32 -8.20 -15.32 -4.72
C SER D 32 -8.79 -15.67 -3.36
N GLY D 33 -9.43 -16.83 -3.28
CA GLY D 33 -9.98 -17.29 -2.01
C GLY D 33 -11.43 -17.69 -2.08
N PHE D 34 -12.09 -17.38 -3.20
CA PHE D 34 -13.49 -17.73 -3.37
C PHE D 34 -13.88 -17.78 -4.85
N THR D 35 -15.07 -18.29 -5.13
CA THR D 35 -15.58 -18.35 -6.49
C THR D 35 -15.84 -16.92 -6.99
N PHE D 36 -14.86 -16.38 -7.71
CA PHE D 36 -14.84 -14.99 -8.10
C PHE D 36 -15.95 -14.61 -9.09
N SER D 37 -16.28 -15.52 -9.99
CA SER D 37 -17.19 -15.21 -11.09
C SER D 37 -18.66 -15.26 -10.70
N TYR D 39 -19.81 -13.37 -7.87
CA TYR D 39 -20.07 -12.23 -6.99
C TYR D 39 -19.87 -10.88 -7.67
N TRP D 40 -20.60 -9.89 -7.16
CA TRP D 40 -20.40 -8.50 -7.55
C TRP D 40 -19.04 -8.04 -7.03
N MET D 41 -18.39 -7.14 -7.76
CA MET D 41 -17.15 -6.54 -7.27
C MET D 41 -17.32 -5.02 -7.30
N THR D 42 -16.81 -4.36 -6.26
CA THR D 42 -17.01 -2.93 -6.13
C THR D 42 -15.74 -2.17 -5.74
N TRP D 43 -15.75 -0.87 -5.97
CA TRP D 43 -14.66 0.01 -5.57
C TRP D 43 -15.16 1.05 -4.57
N VAL D 44 -14.44 1.19 -3.46
CA VAL D 44 -14.76 2.20 -2.46
C VAL D 44 -13.51 3.00 -2.15
N ARG D 45 -13.58 4.32 -2.36
CA ARG D 45 -12.44 5.18 -2.09
C ARG D 45 -12.62 5.92 -0.76
N GLN D 46 -11.50 6.36 -0.19
CA GLN D 46 -11.52 7.09 1.08
C GLN D 46 -10.47 8.19 1.10
N ALA D 47 -10.91 9.44 1.01
CA ALA D 47 -10.00 10.58 1.07
C ALA D 47 -9.31 10.60 2.42
N PRO D 48 -8.01 10.95 2.44
CA PRO D 48 -7.20 10.95 3.67
C PRO D 48 -7.82 11.81 4.78
N GLY D 49 -8.22 11.17 5.86
CA GLY D 49 -8.81 11.86 6.99
C GLY D 49 -10.32 12.03 6.86
N LYS D 50 -10.87 11.50 5.77
CA LYS D 50 -12.31 11.61 5.51
C LYS D 50 -13.00 10.25 5.64
N GLY D 51 -14.26 10.19 5.21
CA GLY D 51 -15.02 8.96 5.32
C GLY D 51 -14.94 8.10 4.08
N LEU D 52 -15.86 7.14 3.97
CA LEU D 52 -15.87 6.20 2.86
C LEU D 52 -16.86 6.66 1.78
N GLU D 53 -16.47 6.49 0.52
CA GLU D 53 -17.35 6.83 -0.60
C GLU D 53 -17.35 5.71 -1.64
N TRP D 54 -18.54 5.24 -1.98
CA TRP D 54 -18.70 4.20 -2.99
C TRP D 54 -18.45 4.75 -4.39
N VAL D 55 -17.60 4.07 -5.15
CA VAL D 55 -17.23 4.52 -6.49
C VAL D 55 -18.04 3.82 -7.58
N ALA D 56 -17.84 2.51 -7.71
CA ALA D 56 -18.49 1.74 -8.77
C ALA D 56 -18.57 0.26 -8.43
N ASN D 57 -19.48 -0.45 -9.07
CA ASN D 57 -19.57 -1.90 -8.91
C ASN D 57 -19.93 -2.57 -10.24
N ILE D 58 -19.72 -3.88 -10.30
CA ILE D 58 -19.96 -4.63 -11.52
C ILE D 58 -20.58 -5.99 -11.24
N PRO D 60 -21.53 -10.02 -11.56
CA PRO D 60 -20.68 -11.22 -11.65
C PRO D 60 -20.19 -11.54 -13.06
N ASP D 61 -21.09 -11.48 -14.05
CA ASP D 61 -20.71 -11.75 -15.42
C ASP D 61 -20.17 -10.51 -16.12
N GLY D 62 -20.21 -9.38 -15.41
CA GLY D 62 -19.70 -8.13 -15.94
C GLY D 62 -20.54 -7.56 -17.07
N SER D 63 -21.81 -7.94 -17.10
CA SER D 63 -22.71 -7.50 -18.16
C SER D 63 -23.25 -6.09 -17.88
N GLU D 64 -23.28 -5.70 -16.61
CA GLU D 64 -23.79 -4.39 -16.22
C GLU D 64 -22.83 -3.68 -15.27
N LYS D 65 -22.66 -2.37 -15.48
CA LYS D 65 -21.77 -1.57 -14.66
C LYS D 65 -22.51 -0.37 -14.09
N TYR D 66 -22.19 -0.02 -12.85
CA TYR D 66 -22.84 1.12 -12.19
C TYR D 66 -21.82 2.03 -11.50
N TYR D 67 -22.08 3.32 -11.55
CA TYR D 67 -21.13 4.32 -11.04
C TYR D 67 -21.81 5.38 -10.19
N VAL D 68 -21.04 6.04 -9.34
CA VAL D 68 -21.52 7.19 -8.60
C VAL D 68 -21.50 8.41 -9.53
N GLU D 69 -22.39 9.37 -9.29
CA GLU D 69 -22.59 10.49 -10.21
C GLU D 69 -21.33 11.33 -10.48
N SER D 70 -20.46 11.44 -9.47
CA SER D 70 -19.28 12.29 -9.58
C SER D 70 -18.20 11.71 -10.48
N VAL D 71 -18.32 10.43 -10.82
CA VAL D 71 -17.32 9.76 -11.66
C VAL D 71 -17.93 9.27 -12.96
N LYS D 72 -19.23 9.49 -13.13
CA LYS D 72 -19.96 9.05 -14.31
C LYS D 72 -19.38 9.67 -15.58
N GLY D 73 -19.02 8.83 -16.53
CA GLY D 73 -18.47 9.28 -17.80
C GLY D 73 -16.97 9.46 -17.74
N ARG D 74 -16.40 9.31 -16.55
CA ARG D 74 -14.96 9.46 -16.38
C ARG D 74 -14.29 8.14 -16.01
N PHE D 75 -14.93 7.37 -15.14
CA PHE D 75 -14.37 6.09 -14.72
C PHE D 75 -15.02 4.93 -15.47
N THR D 76 -14.30 3.81 -15.55
CA THR D 76 -14.80 2.63 -16.22
C THR D 76 -14.36 1.36 -15.50
N ILE D 77 -15.32 0.66 -14.89
CA ILE D 77 -15.00 -0.55 -14.16
C ILE D 77 -15.14 -1.78 -15.06
N SER D 78 -14.24 -2.75 -14.89
CA SER D 78 -14.28 -3.98 -15.67
C SER D 78 -13.74 -5.14 -14.86
N ARG D 79 -13.89 -6.36 -15.38
CA ARG D 79 -13.42 -7.55 -14.69
C ARG D 79 -13.02 -8.66 -15.65
N ASP D 80 -12.18 -9.56 -15.16
CA ASP D 80 -11.76 -10.74 -15.91
C ASP D 80 -12.02 -11.98 -15.06
N ASN D 81 -13.05 -12.73 -15.42
CA ASN D 81 -13.45 -13.92 -14.65
C ASN D 81 -12.57 -15.14 -14.92
N ALA D 82 -11.47 -14.93 -15.62
CA ALA D 82 -10.50 -16.00 -15.88
C ALA D 82 -9.25 -15.77 -15.05
N LYS D 83 -8.79 -14.52 -15.01
CA LYS D 83 -7.61 -14.16 -14.23
C LYS D 83 -7.99 -13.76 -12.81
N ASN D 84 -9.29 -13.74 -12.52
CA ASN D 84 -9.81 -13.28 -11.25
C ASN D 84 -9.33 -11.86 -10.92
N SER D 85 -9.59 -10.93 -11.83
CA SER D 85 -9.10 -9.57 -11.68
C SER D 85 -10.23 -8.56 -11.83
N VAL D 86 -10.14 -7.46 -11.08
CA VAL D 86 -11.07 -6.35 -11.20
C VAL D 86 -10.30 -5.09 -11.55
N TYR D 87 -10.80 -4.34 -12.52
CA TYR D 87 -10.10 -3.14 -12.97
C TYR D 87 -10.95 -1.90 -12.77
N LEU D 88 -10.27 -0.77 -12.56
CA LEU D 88 -10.94 0.52 -12.45
C LEU D 88 -10.19 1.55 -13.30
N GLN D 89 -10.65 1.75 -14.52
CA GLN D 89 -10.02 2.73 -15.41
C GLN D 89 -10.43 4.14 -15.01
N MET D 90 -9.43 4.96 -14.72
CA MET D 90 -9.67 6.33 -14.26
C MET D 90 -9.22 7.34 -15.31
N ASN D 91 -10.16 7.85 -16.10
CA ASN D 91 -9.86 8.87 -17.10
C ASN D 91 -10.37 10.23 -16.67
N SER D 92 -9.71 11.28 -17.15
CA SER D 92 -10.06 12.67 -16.81
C SER D 92 -10.12 12.87 -15.30
N VAL D 93 -9.02 12.57 -14.61
CA VAL D 93 -8.98 12.62 -13.16
C VAL D 93 -9.08 14.05 -12.63
N ARG D 94 -9.78 14.18 -11.52
CA ARG D 94 -9.96 15.47 -10.86
C ARG D 94 -9.17 15.48 -9.56
N ALA D 95 -9.05 16.64 -8.91
CA ALA D 95 -8.32 16.73 -7.65
C ALA D 95 -9.07 16.03 -6.52
N GLU D 96 -10.40 16.04 -6.60
CA GLU D 96 -11.25 15.45 -5.57
C GLU D 96 -11.35 13.93 -5.71
N ASP D 97 -10.58 13.37 -6.62
CA ASP D 97 -10.52 11.91 -6.79
C ASP D 97 -9.39 11.35 -5.94
N THR D 98 -8.69 12.24 -5.25
CA THR D 98 -7.59 11.85 -4.38
C THR D 98 -8.08 11.08 -3.17
N ALA D 99 -7.82 9.77 -3.17
CA ALA D 99 -8.28 8.91 -2.09
C ALA D 99 -7.58 7.56 -2.12
N VAL D 100 -7.83 6.74 -1.09
CA VAL D 100 -7.35 5.37 -1.06
C VAL D 100 -8.43 4.45 -1.61
N TYR D 101 -8.14 3.79 -2.73
CA TYR D 101 -9.12 2.97 -3.42
C TYR D 101 -9.04 1.50 -3.04
N TYR D 102 -10.10 0.99 -2.43
CA TYR D 102 -10.19 -0.42 -2.07
C TYR D 102 -11.06 -1.19 -3.06
N CYS D 103 -10.63 -2.40 -3.42
CA CYS D 103 -11.51 -3.30 -4.16
C CYS D 103 -12.15 -4.24 -3.15
N ALA D 104 -13.44 -4.51 -3.32
CA ALA D 104 -14.17 -5.28 -2.33
C ALA D 104 -15.16 -6.26 -2.94
N ARG D 105 -15.44 -7.33 -2.19
CA ARG D 105 -16.41 -8.33 -2.59
C ARG D 105 -17.79 -8.06 -2.00
N VAL D 106 -18.78 -7.89 -2.85
CA VAL D 106 -20.15 -7.67 -2.39
C VAL D 106 -20.80 -8.98 -1.98
N SER D 107 -21.27 -9.03 -0.73
CA SER D 107 -21.87 -10.25 -0.20
C SER D 107 -23.35 -10.07 0.10
N ARG D 108 -23.82 -10.71 1.17
CA ARG D 108 -25.24 -10.69 1.52
C ARG D 108 -25.74 -9.29 1.82
N GLY D 109 -26.93 -8.98 1.31
CA GLY D 109 -27.58 -7.70 1.60
C GLY D 109 -26.83 -6.49 1.07
N GLY D 110 -26.01 -6.70 0.05
CA GLY D 110 -25.24 -5.61 -0.54
C GLY D 110 -24.11 -5.12 0.34
N SER D 111 -23.72 -5.95 1.30
CA SER D 111 -22.61 -5.61 2.19
C SER D 111 -21.28 -5.94 1.54
N PHE D 112 -20.20 -5.39 2.08
CA PHE D 112 -18.87 -5.66 1.56
C PHE D 112 -18.10 -6.56 2.52
N SER D 113 -18.11 -7.86 2.24
CA SER D 113 -17.55 -8.86 3.16
C SER D 113 -16.04 -8.78 3.25
N ASP D 114 -15.36 -8.78 2.11
CA ASP D 114 -13.90 -8.81 2.10
C ASP D 114 -13.31 -7.56 1.43
N TRP D 115 -12.37 -6.93 2.12
CA TRP D 115 -11.72 -5.73 1.58
C TRP D 115 -10.24 -5.99 1.32
N GLY D 116 -9.66 -5.24 0.40
CA GLY D 116 -8.24 -5.32 0.14
C GLY D 116 -7.47 -4.30 0.96
N GLN D 117 -6.15 -4.33 0.89
CA GLN D 117 -5.32 -3.39 1.64
C GLN D 117 -5.55 -1.96 1.16
N GLY D 118 -5.82 -1.80 -0.13
CA GLY D 118 -6.07 -0.49 -0.70
C GLY D 118 -4.83 0.12 -1.35
N THR D 119 -5.05 0.83 -2.45
CA THR D 119 -3.96 1.52 -3.14
C THR D 119 -4.25 3.01 -3.20
N LEU D 120 -3.20 3.82 -3.08
CA LEU D 120 -3.37 5.28 -3.00
C LEU D 120 -3.27 5.98 -4.35
N VAL D 121 -4.21 6.87 -4.61
CA VAL D 121 -4.19 7.70 -5.80
C VAL D 121 -4.21 9.18 -5.41
N THR D 122 -3.13 9.90 -5.68
CA THR D 122 -3.04 11.29 -5.31
C THR D 122 -3.12 12.19 -6.54
N VAL D 123 -4.01 13.18 -6.50
CA VAL D 123 -4.19 14.12 -7.60
C VAL D 123 -4.31 15.56 -7.13
N SER D 124 -3.25 16.34 -7.35
CA SER D 124 -3.26 17.78 -7.08
C SER D 124 -3.70 18.16 -5.67
N SER D 125 -4.72 19.01 -5.59
CA SER D 125 -5.20 19.56 -4.32
C SER D 125 -5.90 18.50 -3.46
N GLY D 126 -7.16 18.23 -3.79
CA GLY D 126 -7.97 17.28 -3.05
C GLY D 126 -9.43 17.69 -3.02
N GLN E 1 -19.34 15.21 -0.88
CA GLN E 1 -19.85 13.86 -0.75
C GLN E 1 -21.04 13.80 0.19
N SER E 2 -22.20 13.43 -0.35
CA SER E 2 -23.39 13.21 0.47
C SER E 2 -23.27 11.92 1.28
N ALA E 3 -23.56 12.00 2.58
CA ALA E 3 -23.43 10.85 3.46
C ALA E 3 -24.61 10.76 4.42
N LEU E 4 -24.68 9.65 5.16
CA LEU E 4 -25.70 9.50 6.19
C LEU E 4 -25.26 10.23 7.45
N THR E 5 -26.19 10.44 8.38
CA THR E 5 -25.89 11.19 9.59
C THR E 5 -25.41 10.30 10.73
N GLN E 6 -24.18 10.55 11.18
CA GLN E 6 -23.60 9.82 12.28
C GLN E 6 -22.97 10.79 13.27
N PRO E 7 -23.13 10.51 14.58
CA PRO E 7 -22.43 11.30 15.59
C PRO E 7 -20.92 11.22 15.38
N PRO E 8 -20.23 12.36 15.40
CA PRO E 8 -18.79 12.41 15.09
C PRO E 8 -17.94 11.60 16.07
N SER E 9 -18.39 11.48 17.31
CA SER E 9 -17.61 10.78 18.33
C SER E 9 -18.48 10.02 19.32
N ALA E 10 -17.87 9.06 20.01
CA ALA E 10 -18.55 8.27 21.03
C ALA E 10 -17.52 7.67 21.99
N SER E 11 -17.87 7.58 23.27
CA SER E 11 -16.93 7.07 24.27
C SER E 11 -17.60 6.09 25.23
N GLY E 12 -16.80 5.31 25.93
CA GLY E 12 -17.31 4.35 26.89
C GLY E 12 -16.24 3.53 27.60
N SER E 13 -16.43 3.32 28.89
CA SER E 13 -15.51 2.52 29.69
C SER E 13 -15.68 1.02 29.40
N PRO E 14 -14.62 0.23 29.61
CA PRO E 14 -14.70 -1.22 29.40
C PRO E 14 -15.82 -1.87 30.21
N GLY E 15 -16.65 -2.67 29.54
CA GLY E 15 -17.76 -3.32 30.19
C GLY E 15 -19.09 -2.65 29.90
N GLN E 16 -19.03 -1.34 29.62
CA GLN E 16 -20.24 -0.58 29.33
C GLN E 16 -20.73 -0.85 27.92
N SER E 17 -21.88 -0.25 27.58
CA SER E 17 -22.46 -0.42 26.25
C SER E 17 -22.68 0.93 25.57
N VAL E 18 -22.28 1.01 24.30
CA VAL E 18 -22.41 2.23 23.53
C VAL E 18 -23.25 2.00 22.28
N THR E 19 -24.16 2.91 21.99
CA THR E 19 -25.04 2.80 20.82
C THR E 19 -24.76 3.92 19.83
N ILE E 20 -24.38 3.54 18.60
CA ILE E 20 -24.10 4.50 17.55
C ILE E 20 -25.23 4.53 16.52
N SER E 21 -25.87 5.68 16.39
CA SER E 21 -26.99 5.84 15.48
C SER E 21 -26.55 6.18 14.06
N CYS E 22 -27.46 5.97 13.11
CA CYS E 22 -27.22 6.27 11.70
C CYS E 22 -28.53 6.62 11.00
N THR E 23 -28.75 7.92 10.78
CA THR E 23 -30.02 8.37 10.23
C THR E 23 -29.94 8.68 8.73
N GLY E 24 -30.90 8.15 7.98
CA GLY E 24 -30.99 8.39 6.54
C GLY E 24 -32.35 8.90 6.12
N THR E 25 -32.78 8.53 4.91
CA THR E 25 -34.08 8.92 4.40
C THR E 25 -35.00 7.71 4.23
N SER E 26 -36.16 7.92 3.62
CA SER E 26 -37.11 6.84 3.39
C SER E 26 -36.87 6.17 2.04
N SER E 27 -35.77 6.53 1.40
CA SER E 27 -35.43 5.99 0.08
C SER E 27 -34.22 5.06 0.15
N ASP E 28 -33.62 4.96 1.33
CA ASP E 28 -32.45 4.13 1.52
C ASP E 28 -32.56 3.19 2.73
N VAL E 29 -32.35 3.73 3.92
CA VAL E 29 -32.40 2.94 5.14
C VAL E 29 -33.82 2.51 5.48
N GLY E 30 -34.76 3.40 5.27
CA GLY E 30 -36.15 3.14 5.57
C GLY E 30 -36.84 2.38 4.45
N ALA E 31 -36.14 2.26 3.32
CA ALA E 31 -36.67 1.57 2.16
C ALA E 31 -36.19 0.13 2.04
N TYR E 32 -34.90 -0.09 2.29
CA TYR E 32 -34.33 -1.43 2.16
C TYR E 32 -33.77 -1.95 3.48
N ASN E 33 -33.58 -3.28 3.54
CA ASN E 33 -32.96 -3.92 4.68
C ASN E 33 -31.48 -4.17 4.41
N TYR E 34 -30.95 -3.45 3.43
CA TYR E 34 -29.55 -3.58 3.04
C TYR E 34 -28.65 -2.67 3.88
N VAL E 35 -28.79 -2.76 5.19
CA VAL E 35 -28.00 -1.93 6.11
C VAL E 35 -26.77 -2.67 6.59
N SER E 36 -25.62 -2.03 6.45
CA SER E 36 -24.36 -2.65 6.87
C SER E 36 -23.56 -1.72 7.77
N TRP E 37 -22.76 -2.32 8.65
CA TRP E 37 -21.86 -1.58 9.52
C TRP E 37 -20.42 -2.05 9.31
N TYR E 38 -19.48 -1.13 9.47
CA TYR E 38 -18.07 -1.45 9.24
C TYR E 38 -17.19 -0.92 10.36
N GLN E 39 -16.07 -1.61 10.58
CA GLN E 39 -15.09 -1.20 11.57
C GLN E 39 -13.75 -0.97 10.88
N GLN E 40 -13.13 0.17 11.16
CA GLN E 40 -11.86 0.49 10.53
C GLN E 40 -10.83 1.00 11.54
N HIS E 41 -9.78 0.22 11.75
CA HIS E 41 -8.66 0.63 12.57
C HIS E 41 -7.72 1.50 11.73
N PRO E 42 -7.00 2.43 12.38
CA PRO E 42 -6.12 3.38 11.67
C PRO E 42 -5.10 2.69 10.77
N GLY E 43 -5.09 3.06 9.49
CA GLY E 43 -4.14 2.52 8.54
C GLY E 43 -4.59 1.20 7.94
N LYS E 44 -5.69 0.66 8.46
CA LYS E 44 -6.20 -0.63 8.00
C LYS E 44 -7.47 -0.48 7.19
N ALA E 45 -7.84 -1.54 6.49
CA ALA E 45 -9.05 -1.55 5.66
C ALA E 45 -10.28 -1.83 6.51
N PRO E 46 -11.44 -1.29 6.08
CA PRO E 46 -12.71 -1.52 6.79
C PRO E 46 -13.04 -3.00 6.94
N LYS E 47 -13.70 -3.35 8.04
CA LYS E 47 -14.07 -4.74 8.30
C LYS E 47 -15.57 -4.83 8.53
N LEU E 48 -16.22 -5.75 7.82
CA LEU E 48 -17.66 -5.95 7.95
C LEU E 48 -18.00 -6.53 9.32
N MET E 49 -18.87 -5.83 10.04
CA MET E 49 -19.27 -6.25 11.38
C MET E 49 -20.72 -6.66 11.42
N ILE E 50 -21.55 -5.95 10.66
CA ILE E 50 -22.99 -6.21 10.59
C ILE E 50 -23.49 -6.11 9.16
N TYR E 51 -24.22 -7.11 8.70
CA TYR E 51 -24.86 -7.04 7.39
C TYR E 51 -26.34 -7.34 7.54
N GLU E 52 -27.16 -6.82 6.63
CA GLU E 52 -28.61 -6.97 6.68
C GLU E 52 -29.17 -6.54 8.03
N VAL E 53 -28.91 -5.27 8.38
CA VAL E 53 -29.42 -4.64 9.60
C VAL E 53 -28.92 -5.27 10.90
N ALA E 54 -29.13 -6.57 11.08
CA ALA E 54 -28.83 -7.21 12.35
C ALA E 54 -27.90 -8.42 12.23
N ARG E 55 -27.90 -9.08 11.09
CA ARG E 55 -27.10 -10.29 10.92
C ARG E 55 -25.60 -10.00 11.01
N ARG E 56 -24.84 -11.01 11.40
CA ARG E 56 -23.44 -10.82 11.75
C ARG E 56 -22.54 -11.93 11.23
N PRO E 57 -21.48 -11.56 10.49
CA PRO E 57 -20.56 -12.51 9.86
C PRO E 57 -19.80 -13.37 10.87
N SER E 58 -19.26 -14.49 10.39
CA SER E 58 -18.47 -15.38 11.22
C SER E 58 -17.13 -14.74 11.58
N GLY E 59 -16.82 -14.72 12.87
CA GLY E 59 -15.60 -14.11 13.34
C GLY E 59 -15.87 -12.88 14.19
N VAL E 60 -17.04 -12.30 13.96
CA VAL E 60 -17.46 -11.11 14.72
C VAL E 60 -18.13 -11.53 16.02
N PRO E 61 -17.64 -11.00 17.14
CA PRO E 61 -18.11 -11.34 18.50
C PRO E 61 -19.60 -11.09 18.72
N ASP E 62 -20.17 -11.80 19.69
CA ASP E 62 -21.59 -11.67 20.03
C ASP E 62 -21.88 -10.31 20.65
N ARG E 63 -20.81 -9.63 21.07
CA ARG E 63 -20.92 -8.30 21.67
C ARG E 63 -21.50 -7.26 20.72
N PHE E 64 -21.33 -7.48 19.42
CA PHE E 64 -21.84 -6.56 18.39
C PHE E 64 -23.25 -6.93 17.94
N SER E 65 -24.11 -5.93 17.80
CA SER E 65 -25.48 -6.15 17.33
C SER E 65 -26.05 -4.90 16.66
N GLY E 66 -27.00 -5.11 15.76
CA GLY E 66 -27.61 -4.01 15.02
C GLY E 66 -29.13 -4.06 14.99
N SER E 67 -29.75 -2.91 14.77
CA SER E 67 -31.20 -2.82 14.67
C SER E 67 -31.62 -1.70 13.73
N LYS E 68 -32.94 -1.55 13.54
CA LYS E 68 -33.48 -0.53 12.65
C LYS E 68 -34.88 -0.10 13.07
N SER E 69 -35.11 1.21 13.10
CA SER E 69 -36.45 1.75 13.33
C SER E 69 -36.59 3.02 12.50
N GLY E 70 -37.57 3.01 11.59
CA GLY E 70 -37.77 4.13 10.69
C GLY E 70 -36.64 4.23 9.68
N ASN E 71 -35.98 5.38 9.65
CA ASN E 71 -34.87 5.60 8.73
C ASN E 71 -33.54 5.67 9.48
N THR E 72 -33.49 5.04 10.64
CA THR E 72 -32.29 5.07 11.47
C THR E 72 -31.86 3.70 11.97
N ALA E 73 -30.65 3.30 11.60
CA ALA E 73 -30.06 2.06 12.09
C ALA E 73 -29.22 2.34 13.32
N SER E 74 -28.95 1.31 14.11
CA SER E 74 -28.21 1.48 15.35
C SER E 74 -27.30 0.30 15.64
N LEU E 75 -26.01 0.59 15.80
CA LEU E 75 -25.03 -0.42 16.18
C LEU E 75 -24.79 -0.38 17.68
N THR E 76 -24.73 -1.55 18.32
CA THR E 76 -24.58 -1.60 19.76
C THR E 76 -23.48 -2.56 20.18
N VAL E 77 -22.49 -2.03 20.89
CA VAL E 77 -21.43 -2.86 21.46
C VAL E 77 -21.63 -3.00 22.96
N SER E 78 -21.91 -4.22 23.42
CA SER E 78 -22.31 -4.44 24.80
C SER E 78 -21.12 -4.64 25.74
N GLY E 79 -20.10 -5.37 25.29
CA GLY E 79 -18.92 -5.61 26.10
C GLY E 79 -17.72 -4.89 25.56
N LEU E 80 -17.54 -3.64 25.99
CA LEU E 80 -16.48 -2.80 25.44
C LEU E 80 -15.09 -3.33 25.77
N GLN E 81 -14.22 -3.32 24.77
CA GLN E 81 -12.84 -3.78 24.94
C GLN E 81 -11.89 -2.78 24.29
N ALA E 82 -10.61 -2.87 24.64
CA ALA E 82 -9.62 -1.95 24.10
C ALA E 82 -9.46 -2.11 22.59
N GLU E 83 -9.67 -3.32 22.10
CA GLU E 83 -9.52 -3.62 20.67
C GLU E 83 -10.69 -3.11 19.83
N ASP E 84 -11.64 -2.44 20.47
CA ASP E 84 -12.82 -1.94 19.77
C ASP E 84 -12.70 -0.46 19.43
N GLU E 85 -11.62 0.17 19.89
CA GLU E 85 -11.40 1.58 19.64
C GLU E 85 -11.02 1.82 18.17
N ALA E 86 -12.01 2.23 17.38
CA ALA E 86 -11.78 2.51 15.96
C ALA E 86 -12.88 3.40 15.40
N ASP E 87 -12.91 3.52 14.08
CA ASP E 87 -13.96 4.27 13.40
C ASP E 87 -15.07 3.31 12.96
N TYR E 88 -16.31 3.79 13.00
CA TYR E 88 -17.45 2.95 12.64
C TYR E 88 -18.35 3.63 11.61
N TYR E 89 -18.52 2.96 10.47
CA TYR E 89 -19.36 3.48 9.40
C TYR E 89 -20.62 2.64 9.21
N CYS E 90 -21.70 3.30 8.83
CA CYS E 90 -22.92 2.62 8.45
C CYS E 90 -23.11 2.75 6.95
N SER E 91 -23.72 1.75 6.33
CA SER E 91 -23.99 1.83 4.91
C SER E 91 -25.40 1.35 4.60
N SER E 92 -25.90 1.74 3.44
CA SER E 92 -27.24 1.36 3.02
C SER E 92 -27.38 1.48 1.51
N TYR E 93 -28.17 0.59 0.92
CA TYR E 93 -28.46 0.66 -0.50
C TYR E 93 -29.34 1.87 -0.75
N ALA E 94 -28.98 2.66 -1.75
CA ALA E 94 -29.74 3.87 -2.07
C ALA E 94 -29.94 4.04 -3.57
N GLY E 95 -29.93 2.93 -4.30
CA GLY E 95 -30.11 2.96 -5.74
C GLY E 95 -28.93 2.38 -6.49
N SER E 96 -29.07 2.24 -7.80
CA SER E 96 -28.01 1.68 -8.63
C SER E 96 -26.84 2.66 -8.77
N ASN E 97 -27.15 3.95 -8.79
CA ASN E 97 -26.12 4.98 -8.90
C ASN E 97 -25.45 5.28 -7.56
N ASN E 98 -25.92 4.60 -6.52
CA ASN E 98 -25.31 4.72 -5.19
C ASN E 98 -25.55 3.45 -4.39
N PHE E 99 -24.84 2.38 -4.78
CA PHE E 99 -25.06 1.06 -4.21
C PHE E 99 -24.82 0.99 -2.70
N ALA E 100 -24.04 1.92 -2.18
CA ALA E 100 -23.75 1.96 -0.75
C ALA E 100 -23.41 3.37 -0.27
N VAL E 101 -24.39 4.02 0.35
CA VAL E 101 -24.17 5.33 0.94
C VAL E 101 -23.65 5.19 2.37
N PHE E 102 -22.41 5.59 2.59
CA PHE E 102 -21.81 5.50 3.92
C PHE E 102 -22.18 6.72 4.77
N GLY E 103 -21.86 6.65 6.06
CA GLY E 103 -22.07 7.77 6.95
C GLY E 103 -20.80 8.59 7.09
N ARG E 104 -20.87 9.67 7.85
CA ARG E 104 -19.72 10.53 8.07
C ARG E 104 -18.65 9.79 8.88
N GLY E 105 -19.08 8.82 9.67
CA GLY E 105 -18.18 8.04 10.49
C GLY E 105 -18.23 8.43 11.96
N THR E 106 -18.03 7.45 12.83
CA THR E 106 -18.04 7.69 14.27
C THR E 106 -16.77 7.13 14.90
N LYS E 107 -16.00 8.01 15.52
CA LYS E 107 -14.77 7.61 16.20
C LYS E 107 -15.07 7.17 17.63
N LEU E 108 -15.05 5.87 17.86
CA LEU E 108 -15.30 5.31 19.17
C LEU E 108 -14.01 5.23 20.00
N THR E 109 -14.04 5.85 21.17
CA THR E 109 -12.87 5.87 22.04
C THR E 109 -13.18 5.09 23.31
N VAL E 110 -12.32 4.11 23.63
CA VAL E 110 -12.50 3.33 24.83
C VAL E 110 -11.77 3.97 26.01
N LEU E 111 -12.55 4.48 26.95
CA LEU E 111 -12.01 5.25 28.08
C LEU E 111 -11.42 4.32 29.13
N ALA E 112 -10.93 4.90 30.22
CA ALA E 112 -10.33 4.13 31.30
C ALA E 112 -11.35 3.82 32.38
N PRO F 7 -53.86 -17.72 -1.67
CA PRO F 7 -52.64 -17.03 -1.23
C PRO F 7 -52.19 -15.96 -2.22
N PHE F 9 -52.00 -16.35 -5.54
CA PHE F 9 -52.38 -16.96 -6.80
C PHE F 9 -52.17 -16.01 -7.99
N GLU F 10 -52.45 -14.73 -7.77
CA GLU F 10 -52.35 -13.75 -8.85
C GLU F 10 -50.89 -13.49 -9.23
N SER F 11 -49.99 -13.59 -8.27
CA SER F 11 -48.58 -13.39 -8.52
C SER F 11 -47.99 -14.55 -9.32
N ALA F 13 -49.72 -16.63 -11.18
CA ALA F 13 -50.41 -16.72 -12.46
C ALA F 13 -49.77 -15.77 -13.48
N ALA F 14 -49.31 -14.62 -13.00
CA ALA F 14 -48.67 -13.63 -13.86
C ALA F 14 -47.30 -14.13 -14.33
N LEU F 15 -46.58 -14.77 -13.42
CA LEU F 15 -45.25 -15.30 -13.74
C LEU F 15 -45.34 -16.50 -14.68
N LEU F 16 -46.37 -17.32 -14.50
CA LEU F 16 -46.59 -18.48 -15.33
C LEU F 16 -46.93 -18.06 -16.75
N ALA F 17 -47.62 -16.93 -16.88
CA ALA F 17 -48.03 -16.41 -18.17
C ALA F 17 -46.85 -15.77 -18.90
N ALA F 18 -45.76 -15.53 -18.16
CA ALA F 18 -44.60 -14.85 -18.71
C ALA F 18 -43.58 -15.85 -19.26
N ARG F 19 -43.30 -16.90 -18.50
CA ARG F 19 -42.23 -17.83 -18.85
C ARG F 19 -42.73 -19.21 -19.25
N GLY F 20 -43.91 -19.59 -18.76
CA GLY F 20 -44.48 -20.87 -19.09
C GLY F 20 -44.27 -21.90 -18.00
N PRO F 21 -44.78 -23.13 -18.22
CA PRO F 21 -44.72 -24.19 -17.22
C PRO F 21 -43.60 -25.21 -17.46
N GLU F 22 -42.63 -24.86 -18.29
CA GLU F 22 -41.58 -25.79 -18.65
C GLU F 22 -40.27 -25.52 -17.92
N GLU F 23 -40.32 -24.67 -16.89
CA GLU F 23 -39.12 -24.36 -16.12
C GLU F 23 -39.45 -23.96 -14.69
N LEU F 24 -38.45 -24.00 -13.82
CA LEU F 24 -38.63 -23.67 -12.42
C LEU F 24 -38.83 -22.17 -12.23
N LEU F 25 -40.04 -21.78 -11.82
CA LEU F 25 -40.37 -20.37 -11.66
C LEU F 25 -40.18 -19.89 -10.22
N CYS F 26 -39.27 -18.94 -10.03
CA CYS F 26 -39.00 -18.39 -8.70
C CYS F 26 -39.19 -16.88 -8.67
N PHE F 27 -39.75 -16.37 -7.58
CA PHE F 27 -39.93 -14.93 -7.44
C PHE F 27 -39.95 -14.50 -5.98
N THR F 28 -39.61 -13.24 -5.75
CA THR F 28 -39.67 -12.65 -4.41
C THR F 28 -40.56 -11.42 -4.43
N GLU F 29 -41.20 -11.12 -3.30
CA GLU F 29 -42.13 -10.01 -3.24
C GLU F 29 -41.58 -8.81 -2.47
N ARG F 30 -40.83 -9.07 -1.42
CA ARG F 30 -40.34 -8.01 -0.56
C ARG F 30 -38.88 -8.19 -0.18
N LEU F 31 -38.13 -8.87 -1.03
CA LEU F 31 -36.69 -9.07 -0.86
C LEU F 31 -36.33 -9.76 0.46
N GLU F 32 -37.29 -10.49 1.03
CA GLU F 32 -37.06 -11.24 2.26
C GLU F 32 -37.77 -12.58 2.20
N ASP F 33 -38.30 -12.90 1.02
CA ASP F 33 -39.01 -14.13 0.79
C ASP F 33 -38.59 -14.73 -0.55
N LEU F 34 -38.99 -15.97 -0.79
CA LEU F 34 -38.70 -16.63 -2.06
C LEU F 34 -39.61 -17.83 -2.26
N VAL F 35 -40.32 -17.84 -3.38
CA VAL F 35 -41.21 -18.94 -3.70
C VAL F 35 -40.87 -19.50 -5.07
N CYS F 36 -40.54 -20.79 -5.12
CA CYS F 36 -40.26 -21.46 -6.38
C CYS F 36 -41.33 -22.49 -6.67
N PHE F 37 -41.85 -22.49 -7.90
CA PHE F 37 -42.90 -23.42 -8.26
C PHE F 37 -42.80 -23.85 -9.72
N TRP F 38 -43.35 -25.02 -10.01
CA TRP F 38 -43.40 -25.53 -11.38
C TRP F 38 -44.64 -26.38 -11.54
N GLU F 39 -44.85 -26.93 -12.73
CA GLU F 39 -46.04 -27.72 -13.00
C GLU F 39 -45.71 -29.10 -13.57
N GLU F 40 -46.65 -30.02 -13.39
CA GLU F 40 -46.52 -31.39 -13.91
C GLU F 40 -47.85 -31.87 -14.47
N ALA F 41 -47.78 -32.71 -15.50
CA ALA F 41 -48.97 -33.28 -16.10
C ALA F 41 -49.65 -34.26 -15.14
N ALA F 42 -50.97 -34.26 -15.12
CA ALA F 42 -51.72 -35.18 -14.26
C ALA F 42 -52.58 -36.14 -15.08
N PRO F 48 -48.67 -37.33 -11.97
CA PRO F 48 -48.17 -36.68 -10.75
C PRO F 48 -46.68 -36.93 -10.52
N GLY F 49 -46.35 -37.86 -9.64
CA GLY F 49 -44.97 -38.16 -9.34
C GLY F 49 -44.52 -37.40 -8.11
N GLN F 50 -43.36 -37.77 -7.58
CA GLN F 50 -42.84 -37.11 -6.39
C GLN F 50 -41.49 -36.48 -6.69
N TYR F 51 -41.20 -35.37 -6.02
CA TYR F 51 -39.97 -34.64 -6.27
C TYR F 51 -39.33 -34.17 -4.96
N SER F 52 -38.04 -33.85 -5.02
CA SER F 52 -37.32 -33.39 -3.85
C SER F 52 -36.64 -32.07 -4.14
N PHE F 53 -37.10 -31.01 -3.51
CA PHE F 53 -36.51 -29.69 -3.70
C PHE F 53 -35.33 -29.49 -2.76
N SER F 54 -34.23 -29.00 -3.32
CA SER F 54 -33.02 -28.76 -2.55
C SER F 54 -32.30 -27.53 -3.06
N TYR F 55 -31.66 -26.80 -2.15
CA TYR F 55 -30.95 -25.59 -2.52
C TYR F 55 -29.65 -25.48 -1.76
N GLN F 56 -28.70 -24.74 -2.33
CA GLN F 56 -27.43 -24.49 -1.67
C GLN F 56 -27.16 -22.99 -1.66
N LEU F 57 -26.96 -22.44 -0.46
CA LEU F 57 -26.67 -21.03 -0.33
C LEU F 57 -25.17 -20.82 -0.20
N GLU F 58 -24.57 -20.28 -1.24
CA GLU F 58 -23.12 -20.07 -1.30
C GLU F 58 -22.38 -21.40 -1.13
N ASP F 59 -21.43 -21.42 -0.19
CA ASP F 59 -20.64 -22.61 0.07
C ASP F 59 -21.15 -23.37 1.29
N GLU F 60 -22.27 -22.92 1.83
CA GLU F 60 -22.91 -23.59 2.95
C GLU F 60 -23.49 -24.93 2.49
N PRO F 61 -23.55 -25.92 3.40
CA PRO F 61 -24.06 -27.24 3.03
C PRO F 61 -25.48 -27.17 2.48
N TRP F 62 -25.84 -28.14 1.64
CA TRP F 62 -27.14 -28.17 1.00
C TRP F 62 -28.29 -28.27 2.01
N LEU F 64 -32.67 -29.23 2.29
CA LEU F 64 -33.91 -29.69 1.69
C LEU F 64 -35.01 -28.66 1.96
N CYS F 65 -35.99 -28.58 1.07
CA CYS F 65 -37.11 -27.67 1.27
C CYS F 65 -38.42 -28.45 1.28
N ARG F 66 -39.34 -28.06 2.14
CA ARG F 66 -40.64 -28.72 2.23
C ARG F 66 -41.46 -28.43 0.98
N LEU F 67 -41.93 -29.47 0.32
CA LEU F 67 -42.72 -29.31 -0.90
C LEU F 67 -44.21 -29.49 -0.66
N HIS F 68 -45.00 -28.62 -1.27
CA HIS F 68 -46.45 -28.73 -1.22
C HIS F 68 -47.00 -29.00 -2.62
N GLN F 69 -48.20 -29.58 -2.68
CA GLN F 69 -48.80 -29.94 -3.96
C GLN F 69 -50.20 -29.36 -4.07
N ALA F 70 -50.62 -29.06 -5.29
CA ALA F 70 -51.97 -28.54 -5.52
C ALA F 70 -52.38 -28.67 -6.97
N PRO F 71 -53.63 -29.11 -7.20
CA PRO F 71 -54.19 -29.18 -8.55
C PRO F 71 -54.46 -27.79 -9.13
N THR F 72 -54.57 -27.69 -10.45
CA THR F 72 -54.84 -26.42 -11.10
C THR F 72 -56.09 -26.54 -11.97
N ALA F 73 -56.55 -25.41 -12.50
CA ALA F 73 -57.74 -25.39 -13.35
C ALA F 73 -57.48 -26.11 -14.67
N ARG F 74 -56.23 -26.07 -15.12
CA ARG F 74 -55.82 -26.72 -16.36
C ARG F 74 -55.79 -28.24 -16.21
N GLY F 75 -55.88 -28.71 -14.97
CA GLY F 75 -55.80 -30.12 -14.67
C GLY F 75 -54.38 -30.55 -14.34
N ALA F 76 -53.47 -29.58 -14.30
CA ALA F 76 -52.07 -29.84 -13.97
C ALA F 76 -51.86 -29.84 -12.47
N VAL F 77 -50.70 -30.32 -12.04
CA VAL F 77 -50.37 -30.34 -10.61
C VAL F 77 -49.21 -29.38 -10.34
N ARG F 78 -49.40 -28.50 -9.36
CA ARG F 78 -48.40 -27.48 -9.05
C ARG F 78 -47.66 -27.77 -7.75
N PHE F 79 -46.34 -27.88 -7.85
CA PHE F 79 -45.46 -28.03 -6.70
C PHE F 79 -44.80 -26.70 -6.38
N TRP F 80 -44.57 -26.43 -5.09
CA TRP F 80 -43.83 -25.22 -4.71
C TRP F 80 -43.10 -25.36 -3.38
N CYS F 81 -42.16 -24.44 -3.17
CA CYS F 81 -41.35 -24.41 -1.96
C CYS F 81 -41.11 -22.98 -1.51
N SER F 82 -41.38 -22.71 -0.23
CA SER F 82 -41.13 -21.39 0.35
C SER F 82 -39.85 -21.44 1.19
N LEU F 83 -38.81 -20.77 0.70
CA LEU F 83 -37.52 -20.77 1.38
C LEU F 83 -37.60 -20.12 2.76
N PRO F 84 -36.79 -20.62 3.71
CA PRO F 84 -36.65 -19.96 5.01
C PRO F 84 -36.14 -18.53 4.83
N THR F 85 -36.65 -17.62 5.66
CA THR F 85 -36.29 -16.21 5.54
C THR F 85 -34.80 -15.96 5.72
N ALA F 86 -34.15 -16.80 6.51
CA ALA F 86 -32.72 -16.64 6.79
C ALA F 86 -31.86 -16.91 5.55
N ASP F 87 -32.45 -17.53 4.53
CA ASP F 87 -31.72 -17.89 3.33
C ASP F 87 -32.13 -17.06 2.12
N THR F 88 -32.78 -15.92 2.38
CA THR F 88 -33.25 -15.05 1.32
C THR F 88 -32.34 -13.82 1.15
N SER F 89 -31.04 -14.04 1.29
CA SER F 89 -30.07 -12.96 1.12
C SER F 89 -29.95 -12.55 -0.33
N SER F 90 -29.69 -11.27 -0.57
CA SER F 90 -29.61 -10.75 -1.93
C SER F 90 -28.16 -10.57 -2.39
N PHE F 91 -27.98 -10.37 -3.69
CA PHE F 91 -26.67 -10.17 -4.31
C PHE F 91 -25.72 -11.33 -4.02
N VAL F 92 -26.31 -12.53 -3.92
CA VAL F 92 -25.57 -13.73 -3.54
C VAL F 92 -26.05 -14.94 -4.34
N PRO F 93 -25.10 -15.77 -4.80
CA PRO F 93 -25.44 -16.96 -5.60
C PRO F 93 -26.23 -18.00 -4.81
N LEU F 94 -27.42 -18.31 -5.30
CA LEU F 94 -28.26 -19.34 -4.69
C LEU F 94 -28.60 -20.42 -5.71
N GLU F 95 -28.02 -21.59 -5.53
CA GLU F 95 -28.20 -22.70 -6.46
C GLU F 95 -29.42 -23.55 -6.11
N LEU F 96 -30.32 -23.71 -7.07
CA LEU F 96 -31.55 -24.47 -6.86
C LEU F 96 -31.57 -25.77 -7.66
N ARG F 97 -32.17 -26.81 -7.08
CA ARG F 97 -32.26 -28.12 -7.73
C ARG F 97 -33.55 -28.86 -7.42
N VAL F 98 -34.24 -29.30 -8.47
CA VAL F 98 -35.40 -30.16 -8.31
C VAL F 98 -35.09 -31.55 -8.85
N THR F 99 -35.09 -32.54 -7.95
CA THR F 99 -34.76 -33.91 -8.32
C THR F 99 -35.98 -34.82 -8.16
N ALA F 100 -36.26 -35.63 -9.16
CA ALA F 100 -37.38 -36.58 -9.11
C ALA F 100 -37.09 -37.70 -8.11
N ALA F 101 -38.15 -38.38 -7.69
CA ALA F 101 -38.02 -39.47 -6.73
C ALA F 101 -37.26 -40.64 -7.34
N SER F 102 -37.26 -40.72 -8.67
CA SER F 102 -36.51 -41.76 -9.37
C SER F 102 -35.03 -41.42 -9.39
N GLY F 103 -34.71 -40.19 -8.97
CA GLY F 103 -33.33 -39.72 -8.94
C GLY F 103 -32.96 -38.89 -10.13
N ALA F 104 -33.88 -38.77 -11.09
CA ALA F 104 -33.63 -38.03 -12.32
C ALA F 104 -33.67 -36.52 -12.08
N PRO F 105 -32.69 -35.79 -12.62
CA PRO F 105 -32.64 -34.32 -12.53
C PRO F 105 -33.76 -33.68 -13.35
N ARG F 106 -34.49 -32.75 -12.74
CA ARG F 106 -35.57 -32.06 -13.42
C ARG F 106 -35.21 -30.60 -13.70
N TYR F 107 -34.93 -29.84 -12.65
CA TYR F 107 -34.60 -28.43 -12.80
C TYR F 107 -33.31 -28.08 -12.08
N HIS F 108 -32.57 -27.13 -12.63
CA HIS F 108 -31.31 -26.68 -12.04
C HIS F 108 -31.08 -25.21 -12.35
N ARG F 109 -31.08 -24.38 -11.32
CA ARG F 109 -30.89 -22.95 -11.48
C ARG F 109 -29.95 -22.34 -10.44
N VAL F 110 -29.23 -21.31 -10.86
CA VAL F 110 -28.44 -20.49 -9.94
C VAL F 110 -28.95 -19.06 -10.04
N ILE F 111 -29.61 -18.59 -8.99
CA ILE F 111 -30.26 -17.29 -9.02
C ILE F 111 -29.74 -16.34 -7.95
N HIS F 112 -30.01 -15.06 -8.14
CA HIS F 112 -29.87 -14.06 -7.09
C HIS F 112 -31.27 -13.60 -6.74
N ILE F 113 -31.54 -13.47 -5.44
CA ILE F 113 -32.88 -13.09 -4.98
C ILE F 113 -33.32 -11.76 -5.59
N ASN F 114 -32.39 -10.82 -5.68
CA ASN F 114 -32.69 -9.49 -6.23
C ASN F 114 -32.95 -9.51 -7.73
N GLU F 115 -32.72 -10.65 -8.37
CA GLU F 115 -32.90 -10.76 -9.81
C GLU F 115 -34.20 -11.50 -10.18
N VAL F 116 -35.04 -11.75 -9.18
CA VAL F 116 -36.33 -12.40 -9.41
C VAL F 116 -37.43 -11.67 -8.65
N VAL F 117 -37.38 -10.35 -8.65
CA VAL F 117 -38.35 -9.55 -7.91
C VAL F 117 -39.68 -9.45 -8.64
N LEU F 118 -40.74 -9.92 -7.99
CA LEU F 118 -42.10 -9.76 -8.50
C LEU F 118 -42.94 -9.13 -7.40
N LEU F 119 -43.12 -7.82 -7.48
CA LEU F 119 -43.83 -7.07 -6.45
C LEU F 119 -45.29 -7.51 -6.35
N ASP F 120 -45.93 -7.13 -5.25
CA ASP F 120 -47.36 -7.39 -5.08
C ASP F 120 -48.14 -6.37 -5.89
N ALA F 121 -49.35 -6.74 -6.30
CA ALA F 121 -50.17 -5.86 -7.14
C ALA F 121 -50.57 -4.58 -6.40
N PRO F 122 -50.54 -3.44 -7.11
CA PRO F 122 -51.00 -2.17 -6.56
C PRO F 122 -52.47 -2.25 -6.15
N VAL F 123 -52.90 -1.39 -5.22
CA VAL F 123 -54.26 -1.42 -4.73
C VAL F 123 -54.85 -0.03 -4.57
N GLY F 124 -56.14 0.04 -4.30
CA GLY F 124 -56.81 1.30 -4.08
C GLY F 124 -56.89 2.17 -5.31
N LEU F 125 -57.10 1.52 -6.46
CA LEU F 125 -57.21 2.25 -7.72
C LEU F 125 -58.51 3.04 -7.76
N VAL F 126 -58.42 4.31 -8.15
CA VAL F 126 -59.58 5.19 -8.16
C VAL F 126 -59.62 6.04 -9.43
N ALA F 127 -60.76 6.05 -10.10
CA ALA F 127 -60.92 6.83 -11.32
C ALA F 127 -61.90 7.99 -11.07
N ARG F 128 -61.49 9.19 -11.49
CA ARG F 128 -62.31 10.38 -11.34
C ARG F 128 -62.23 11.24 -12.59
N LEU F 129 -63.15 12.19 -12.72
CA LEU F 129 -63.19 13.07 -13.88
C LEU F 129 -62.39 14.34 -13.57
N ALA F 130 -61.84 14.96 -14.62
CA ALA F 130 -60.98 16.12 -14.43
C ALA F 130 -61.80 17.41 -14.41
N ASP F 131 -62.63 17.59 -15.44
CA ASP F 131 -63.50 18.77 -15.60
C ASP F 131 -62.70 20.03 -15.89
N GLY F 134 -61.77 18.05 -18.74
CA GLY F 134 -62.36 17.05 -19.61
C GLY F 134 -61.48 15.83 -19.79
N HIS F 135 -60.98 15.30 -18.67
CA HIS F 135 -60.06 14.17 -18.69
C HIS F 135 -60.46 13.15 -17.61
N VAL F 136 -59.65 12.10 -17.45
CA VAL F 136 -59.86 11.14 -16.38
C VAL F 136 -58.59 11.01 -15.53
N VAL F 137 -58.72 11.28 -14.24
CA VAL F 137 -57.58 11.22 -13.33
C VAL F 137 -57.56 9.92 -12.56
N LEU F 138 -56.42 9.21 -12.62
CA LEU F 138 -56.25 7.96 -11.92
C LEU F 138 -55.33 8.07 -10.71
N ARG F 139 -55.76 7.50 -9.60
CA ARG F 139 -54.95 7.45 -8.38
C ARG F 139 -54.95 6.04 -7.82
N TRP F 140 -53.80 5.62 -7.29
CA TRP F 140 -53.69 4.30 -6.70
C TRP F 140 -52.69 4.30 -5.54
N LEU F 141 -52.51 3.15 -4.91
CA LEU F 141 -51.56 3.01 -3.82
C LEU F 141 -50.51 1.96 -4.16
N PRO F 142 -49.27 2.19 -3.71
CA PRO F 142 -48.17 1.23 -3.91
C PRO F 142 -48.46 -0.11 -3.24
N PRO F 143 -47.76 -1.18 -3.67
CA PRO F 143 -47.89 -2.52 -3.08
C PRO F 143 -47.81 -2.52 -1.56
N PRO F 144 -48.73 -3.25 -0.90
CA PRO F 144 -48.80 -3.33 0.57
C PRO F 144 -47.50 -3.82 1.19
N GLU F 145 -47.09 -3.20 2.28
CA GLU F 145 -45.89 -3.58 3.01
C GLU F 145 -44.65 -3.57 2.12
N THR F 146 -44.54 -2.55 1.27
CA THR F 146 -43.39 -2.41 0.38
C THR F 146 -42.81 -0.99 0.48
N PRO F 147 -41.78 -0.82 1.32
CA PRO F 147 -41.23 0.50 1.66
C PRO F 147 -40.30 1.13 0.61
N MET F 148 -40.12 0.49 -0.54
CA MET F 148 -39.26 1.05 -1.59
C MET F 148 -40.05 1.88 -2.59
N THR F 149 -41.13 2.50 -2.12
CA THR F 149 -42.08 3.20 -3.00
C THR F 149 -41.44 4.21 -3.93
N SER F 150 -40.35 4.84 -3.48
CA SER F 150 -39.66 5.84 -4.29
C SER F 150 -38.90 5.19 -5.45
N HIS F 151 -38.65 3.89 -5.34
CA HIS F 151 -37.92 3.17 -6.38
C HIS F 151 -38.82 2.20 -7.15
N ILE F 152 -40.11 2.51 -7.19
CA ILE F 152 -41.09 1.69 -7.91
C ILE F 152 -41.70 2.46 -9.07
N ARG F 153 -41.62 1.89 -10.27
CA ARG F 153 -42.28 2.49 -11.43
C ARG F 153 -43.55 1.69 -11.77
N TYR F 154 -44.53 2.37 -12.34
CA TYR F 154 -45.81 1.73 -12.62
C TYR F 154 -46.16 1.78 -14.10
N GLU F 155 -47.20 1.05 -14.47
CA GLU F 155 -47.70 1.05 -15.83
C GLU F 155 -49.22 0.92 -15.81
N VAL F 156 -49.91 1.83 -16.49
CA VAL F 156 -51.36 1.88 -16.48
C VAL F 156 -51.95 1.34 -17.78
N ASP F 157 -52.95 0.48 -17.65
CA ASP F 157 -53.66 -0.05 -18.81
C ASP F 157 -54.99 0.66 -19.01
N VAL F 158 -55.28 1.01 -20.25
CA VAL F 158 -56.57 1.60 -20.61
C VAL F 158 -57.19 0.76 -21.72
N SER F 159 -58.29 0.11 -21.40
CA SER F 159 -58.93 -0.80 -22.34
C SER F 159 -60.41 -0.49 -22.52
N ALA F 160 -61.02 -1.11 -23.53
CA ALA F 160 -62.42 -0.91 -23.81
C ALA F 160 -63.07 -2.24 -24.18
N GLY F 161 -64.36 -2.20 -24.47
CA GLY F 161 -65.09 -3.40 -24.85
C GLY F 161 -65.14 -3.60 -26.35
N GLN F 162 -65.78 -4.69 -26.76
CA GLN F 162 -65.95 -5.02 -28.18
C GLN F 162 -64.63 -5.11 -28.94
N GLY F 163 -63.67 -5.83 -28.39
CA GLY F 163 -62.44 -6.15 -29.09
C GLY F 163 -61.44 -5.04 -29.28
N ALA F 164 -61.71 -3.88 -28.68
CA ALA F 164 -60.78 -2.75 -28.74
C ALA F 164 -59.45 -3.12 -28.08
N GLY F 165 -59.53 -3.85 -26.98
CA GLY F 165 -58.35 -4.26 -26.25
C GLY F 165 -57.69 -3.11 -25.52
N SER F 166 -56.37 -3.17 -25.38
CA SER F 166 -55.63 -2.15 -24.66
C SER F 166 -55.36 -0.93 -25.51
N VAL F 167 -56.16 0.11 -25.31
CA VAL F 167 -56.07 1.33 -26.10
C VAL F 167 -54.83 2.15 -25.74
N GLN F 168 -54.52 2.23 -24.45
CA GLN F 168 -53.39 3.02 -23.99
C GLN F 168 -52.55 2.27 -22.95
N ARG F 169 -51.24 2.46 -23.02
CA ARG F 169 -50.32 1.94 -22.03
C ARG F 169 -49.36 3.03 -21.59
N VAL F 170 -49.55 3.54 -20.38
CA VAL F 170 -48.79 4.68 -19.89
C VAL F 170 -47.78 4.27 -18.82
N GLU F 171 -46.55 4.74 -18.98
CA GLU F 171 -45.49 4.46 -18.01
C GLU F 171 -45.44 5.55 -16.94
N ILE F 172 -45.43 5.14 -15.68
CA ILE F 172 -45.33 6.09 -14.57
C ILE F 172 -44.03 5.85 -13.82
N LEU F 173 -43.24 6.91 -13.64
CA LEU F 173 -41.91 6.76 -13.07
C LEU F 173 -41.74 7.46 -11.72
N GLU F 174 -40.61 7.19 -11.07
CA GLU F 174 -40.16 7.88 -9.86
C GLU F 174 -41.16 7.76 -8.71
N GLY F 175 -41.86 6.63 -8.64
CA GLY F 175 -42.75 6.34 -7.53
C GLY F 175 -43.99 7.19 -7.42
N ARG F 176 -44.36 7.88 -8.49
CA ARG F 176 -45.58 8.67 -8.49
C ARG F 176 -46.81 7.76 -8.62
N THR F 177 -47.86 8.09 -7.88
CA THR F 177 -49.06 7.27 -7.85
C THR F 177 -50.27 7.96 -8.48
N GLU F 178 -50.01 8.93 -9.35
CA GLU F 178 -51.09 9.66 -10.01
C GLU F 178 -50.86 9.72 -11.52
N CYS F 179 -51.96 9.62 -12.27
CA CYS F 179 -51.91 9.64 -13.72
C CYS F 179 -53.12 10.33 -14.35
N VAL F 180 -52.86 11.17 -15.36
CA VAL F 180 -53.93 11.86 -16.06
C VAL F 180 -54.07 11.41 -17.51
N LEU F 181 -55.19 10.76 -17.81
CA LEU F 181 -55.48 10.26 -19.14
C LEU F 181 -56.18 11.35 -19.95
N SER F 182 -55.97 11.39 -21.26
CA SER F 182 -56.49 12.51 -22.04
C SER F 182 -57.33 12.16 -23.28
N ASN F 183 -56.89 11.20 -24.07
CA ASN F 183 -57.58 10.85 -25.31
C ASN F 183 -58.66 9.78 -25.14
N LEU F 184 -59.66 10.05 -24.30
CA LEU F 184 -60.77 9.10 -24.13
C LEU F 184 -62.05 9.56 -24.83
N ARG F 185 -62.69 8.63 -25.54
CA ARG F 185 -63.90 8.91 -26.30
C ARG F 185 -65.14 9.00 -25.39
N GLY F 186 -66.08 9.86 -25.76
CA GLY F 186 -67.29 10.04 -24.98
C GLY F 186 -68.23 8.87 -25.13
N ARG F 187 -69.12 8.70 -24.15
CA ARG F 187 -70.07 7.59 -24.10
C ARG F 187 -69.36 6.24 -24.22
N THR F 188 -68.24 6.10 -23.51
CA THR F 188 -67.46 4.88 -23.55
C THR F 188 -67.04 4.43 -22.15
N ARG F 189 -67.24 3.15 -21.86
CA ARG F 189 -66.86 2.60 -20.56
C ARG F 189 -65.42 2.09 -20.61
N TYR F 190 -64.51 2.84 -20.01
CA TYR F 190 -63.10 2.45 -20.00
C TYR F 190 -62.76 1.67 -18.72
N THR F 191 -61.88 0.69 -18.87
CA THR F 191 -61.42 -0.11 -17.73
C THR F 191 -59.94 0.14 -17.47
N PHE F 192 -59.61 0.43 -16.22
CA PHE F 192 -58.23 0.76 -15.86
C PHE F 192 -57.62 -0.24 -14.91
N ALA F 193 -56.32 -0.49 -15.08
CA ALA F 193 -55.56 -1.38 -14.21
C ALA F 193 -54.11 -0.93 -14.16
N VAL F 194 -53.44 -1.18 -13.04
CA VAL F 194 -52.06 -0.74 -12.88
C VAL F 194 -51.15 -1.85 -12.35
N ARG F 195 -49.97 -1.97 -12.95
CA ARG F 195 -48.97 -2.96 -12.53
C ARG F 195 -47.72 -2.24 -12.02
N ALA F 196 -46.91 -2.95 -11.23
CA ALA F 196 -45.73 -2.33 -10.61
C ALA F 196 -44.43 -3.08 -10.93
N ARG F 197 -43.32 -2.36 -10.88
CA ARG F 197 -42.01 -2.93 -11.17
C ARG F 197 -40.91 -2.18 -10.44
N MET F 198 -39.79 -2.86 -10.18
CA MET F 198 -38.62 -2.21 -9.59
C MET F 198 -37.98 -1.28 -10.62
N ALA F 199 -37.79 -0.03 -10.25
CA ALA F 199 -37.24 0.95 -11.16
C ALA F 199 -35.72 0.83 -11.25
N GLU F 200 -35.09 0.54 -10.12
CA GLU F 200 -33.63 0.47 -10.04
C GLU F 200 -33.07 -0.73 -10.80
N PRO F 201 -32.08 -0.50 -11.67
CA PRO F 201 -31.43 -1.51 -12.51
C PRO F 201 -30.71 -2.60 -11.71
N SER F 202 -30.48 -2.35 -10.43
CA SER F 202 -29.82 -3.33 -9.57
C SER F 202 -30.71 -4.55 -9.34
N PHE F 203 -31.99 -4.40 -9.63
CA PHE F 203 -32.94 -5.50 -9.45
C PHE F 203 -33.40 -6.07 -10.77
N GLY F 204 -33.60 -7.39 -10.80
CA GLY F 204 -34.18 -8.05 -11.94
C GLY F 204 -35.49 -8.67 -11.54
N GLY F 205 -36.32 -9.04 -12.52
CA GLY F 205 -37.58 -9.67 -12.22
C GLY F 205 -38.66 -9.48 -13.28
N PHE F 206 -39.88 -9.31 -12.81
CA PHE F 206 -41.05 -9.27 -13.69
C PHE F 206 -42.03 -8.22 -13.21
N TRP F 207 -43.00 -7.88 -14.06
CA TRP F 207 -44.07 -7.00 -13.64
C TRP F 207 -44.93 -7.69 -12.59
N SER F 208 -45.55 -6.90 -11.73
CA SER F 208 -46.50 -7.45 -10.77
C SER F 208 -47.77 -7.87 -11.50
N ALA F 209 -48.63 -8.59 -10.80
CA ALA F 209 -49.94 -8.91 -11.34
C ALA F 209 -50.73 -7.62 -11.48
N TRP F 210 -51.68 -7.59 -12.42
CA TRP F 210 -52.51 -6.41 -12.59
C TRP F 210 -53.34 -6.17 -11.33
N SER F 211 -53.56 -4.89 -11.03
CA SER F 211 -54.41 -4.52 -9.90
C SER F 211 -55.86 -4.86 -10.18
N GLU F 212 -56.70 -4.83 -9.15
CA GLU F 212 -58.12 -5.01 -9.35
C GLU F 212 -58.66 -3.86 -10.17
N PRO F 213 -59.26 -4.16 -11.33
CA PRO F 213 -59.67 -3.16 -12.31
C PRO F 213 -60.74 -2.20 -11.78
N VAL F 214 -60.74 -0.99 -12.33
CA VAL F 214 -61.76 0.00 -12.00
C VAL F 214 -62.31 0.62 -13.27
N SER F 215 -63.62 0.52 -13.46
CA SER F 215 -64.25 1.03 -14.68
C SER F 215 -64.90 2.39 -14.46
N LEU F 216 -65.06 3.13 -15.56
CA LEU F 216 -65.67 4.46 -15.51
C LEU F 216 -66.30 4.79 -16.86
N LEU F 217 -67.50 5.35 -16.82
CA LEU F 217 -68.22 5.70 -18.03
C LEU F 217 -68.07 7.18 -18.37
N THR F 218 -67.39 7.47 -19.47
CA THR F 218 -67.21 8.85 -19.93
C THR F 218 -68.50 9.39 -20.51
N PRO F 219 -68.81 10.67 -20.24
CA PRO F 219 -70.04 11.29 -20.72
C PRO F 219 -69.96 11.71 -22.18
N SER F 220 -71.08 11.61 -22.90
CA SER F 220 -71.15 12.12 -24.27
C SER F 220 -70.96 13.63 -24.25
N LEU F 221 -70.48 14.18 -25.37
CA LEU F 221 -70.22 15.60 -25.48
C LEU F 221 -71.46 16.44 -25.18
N ASP F 222 -71.34 17.34 -24.21
CA ASP F 222 -72.46 18.21 -23.82
C ASP F 222 -71.96 19.46 -23.09
#